data_6SUD
#
_entry.id   6SUD
#
_cell.length_a   51.514
_cell.length_b   59.172
_cell.length_c   79.412
_cell.angle_alpha   87.830
_cell.angle_beta   78.350
_cell.angle_gamma   74.610
#
_symmetry.space_group_name_H-M   'P 1'
#
loop_
_entity.id
_entity.type
_entity.pdbx_description
1 polymer 'Reducing-end xylose-releasing exo-oligoxylanase Rex8A'
2 non-polymer 1,2-ETHANEDIOL
3 non-polymer GLYCEROL
4 non-polymer beta-D-xylopyranose
5 water water
#
_entity_poly.entity_id   1
_entity_poly.type   'polypeptide(L)'
_entity_poly.pdbx_seq_one_letter_code
;MNITGKGAYDTGTYANLFQRSGYREDEIKARLEQTWNDLFYGDEHTRIYYPVGDDKGYMLDTGNDDVRSEGMSYGMMMAV
QMDKKHEFDRLWNYAYTYMQHTEGRYKDYFAWHCKPDGTRLSPGPAPDGEEFFAMALFFASNRWGDGPAPYDYQAQARKI
LHACLHQGEQGEGDPMWEPSNRLIKFIPELPFSDPSYHLPHFYELFAQYANEQDRTFWKEAAEASRAYLRTACHPVTGLS
PEYANYDGTPAPVQLHGDFRHFYSDAYRVAANVALDWEWFRKDPWQVQQSNRIQAFFSDIDVSDYRRYTIEGEPFNEPAA
HPVGLLATNAMASLAADGPDADSFVKRFWNTPLRQGKRRYYDNCLYFFTMLALSGNYRVYQQ
;
_entity_poly.pdbx_strand_id   A,B
#
loop_
_chem_comp.id
_chem_comp.type
_chem_comp.name
_chem_comp.formula
EDO non-polymer 1,2-ETHANEDIOL 'C2 H6 O2'
GOL non-polymer GLYCEROL 'C3 H8 O3'
XYP D-saccharide, beta linking beta-D-xylopyranose 'C5 H10 O5'
#
# COMPACT_ATOMS: atom_id res chain seq x y z
N LYS A 6 40.96 1.82 11.88
CA LYS A 6 40.08 1.82 13.09
C LYS A 6 39.15 3.03 13.04
N GLY A 7 37.88 2.75 13.33
CA GLY A 7 36.84 3.77 13.32
C GLY A 7 36.81 4.57 14.60
N ALA A 8 35.99 5.63 14.61
CA ALA A 8 35.79 6.51 15.79
C ALA A 8 35.28 5.71 17.00
N TYR A 9 34.52 4.63 16.77
CA TYR A 9 34.05 3.73 17.85
C TYR A 9 35.25 3.24 18.66
N ASP A 10 36.36 2.88 17.99
CA ASP A 10 37.55 2.26 18.61
C ASP A 10 38.50 3.33 19.17
N THR A 11 38.72 4.43 18.42
CA THR A 11 39.76 5.44 18.71
C THR A 11 39.21 6.54 19.63
N GLY A 12 37.90 6.78 19.60
CA GLY A 12 37.27 7.92 20.28
C GLY A 12 37.54 9.24 19.56
N THR A 13 38.17 9.18 18.38
CA THR A 13 38.55 10.37 17.57
C THR A 13 37.61 10.51 16.37
N TYR A 14 37.00 11.69 16.21
CA TYR A 14 36.02 12.01 15.15
C TYR A 14 36.64 13.01 14.17
N ALA A 15 36.57 12.70 12.87
CA ALA A 15 37.01 13.62 11.80
C ALA A 15 36.20 14.90 11.89
N ASN A 16 36.89 16.03 11.88
CA ASN A 16 36.25 17.37 11.80
C ASN A 16 36.60 17.89 10.41
N LEU A 17 35.73 17.64 9.44
CA LEU A 17 36.03 17.97 8.03
C LEU A 17 35.96 19.47 7.82
N PHE A 18 35.18 20.21 8.62
CA PHE A 18 35.16 21.70 8.53
C PHE A 18 36.57 22.20 8.90
N GLN A 19 37.17 21.65 9.95
CA GLN A 19 38.53 22.04 10.42
C GLN A 19 39.59 21.61 9.41
N ARG A 20 39.49 20.38 8.88
CA ARG A 20 40.47 19.85 7.89
C ARG A 20 40.47 20.75 6.66
N SER A 21 39.30 21.34 6.44
CA SER A 21 39.01 22.18 5.26
C SER A 21 39.41 23.63 5.49
N GLY A 22 39.80 24.04 6.70
CA GLY A 22 40.36 25.39 6.92
C GLY A 22 39.54 26.24 7.87
N TYR A 23 38.28 25.89 8.16
CA TYR A 23 37.41 26.70 9.04
C TYR A 23 37.97 26.65 10.47
N ARG A 24 37.78 27.74 11.20
CA ARG A 24 38.33 27.88 12.58
C ARG A 24 37.46 27.11 13.57
N GLU A 25 38.08 26.54 14.59
CA GLU A 25 37.37 25.77 15.64
C GLU A 25 36.24 26.62 16.23
N ASP A 26 36.50 27.89 16.54
CA ASP A 26 35.49 28.80 17.16
C ASP A 26 34.32 29.03 16.20
N GLU A 27 34.59 29.31 14.92
CA GLU A 27 33.54 29.56 13.88
C GLU A 27 32.65 28.32 13.75
N ILE A 28 33.26 27.15 13.82
CA ILE A 28 32.54 25.86 13.57
C ILE A 28 31.53 25.63 14.71
N LYS A 29 31.99 25.62 15.97
CA LYS A 29 31.12 25.43 17.16
C LYS A 29 29.97 26.45 17.14
N ALA A 30 30.25 27.72 16.82
CA ALA A 30 29.22 28.79 16.79
C ALA A 30 28.19 28.50 15.69
N ARG A 31 28.65 27.99 14.54
CA ARG A 31 27.78 27.68 13.38
C ARG A 31 26.85 26.52 13.77
N LEU A 32 27.38 25.53 14.48
CA LEU A 32 26.60 24.34 14.89
C LEU A 32 25.56 24.81 15.90
N GLU A 33 25.98 25.60 16.89
CA GLU A 33 25.07 26.13 17.93
C GLU A 33 23.97 26.95 17.26
N GLN A 34 24.30 27.78 16.27
CA GLN A 34 23.31 28.67 15.62
C GLN A 34 22.35 27.83 14.77
N THR A 35 22.82 26.70 14.20
CA THR A 35 21.91 25.86 13.40
C THR A 35 20.85 25.28 14.35
N TRP A 36 21.31 24.79 15.50
CA TRP A 36 20.41 24.28 16.57
C TRP A 36 19.37 25.36 16.92
N ASN A 37 19.82 26.56 17.27
N ASN A 37 19.83 26.56 17.28
CA ASN A 37 18.96 27.67 17.73
CA ASN A 37 18.95 27.69 17.72
C ASN A 37 17.87 27.98 16.69
C ASN A 37 17.86 27.96 16.69
N ASP A 38 18.25 28.06 15.41
CA ASP A 38 17.30 28.41 14.32
C ASP A 38 16.26 27.29 14.14
N LEU A 39 16.68 26.03 14.13
CA LEU A 39 15.74 24.90 13.88
C LEU A 39 14.76 24.71 15.03
N PHE A 40 15.22 24.81 16.28
CA PHE A 40 14.37 24.57 17.46
C PHE A 40 13.74 25.86 18.02
N TYR A 41 14.37 27.02 17.87
CA TYR A 41 13.87 28.28 18.51
C TYR A 41 13.87 29.45 17.55
N GLY A 42 13.95 29.19 16.24
CA GLY A 42 14.07 30.27 15.25
C GLY A 42 12.72 30.86 14.89
N ASP A 43 12.68 31.62 13.81
CA ASP A 43 11.47 32.39 13.42
C ASP A 43 10.44 31.44 12.78
N GLU A 44 9.25 31.99 12.48
CA GLU A 44 8.07 31.24 11.99
C GLU A 44 8.35 30.53 10.65
N HIS A 45 9.37 30.94 9.89
CA HIS A 45 9.67 30.46 8.51
C HIS A 45 10.82 29.47 8.50
N THR A 46 11.43 29.20 9.66
CA THR A 46 12.69 28.45 9.80
C THR A 46 12.53 27.28 10.77
N ARG A 47 11.95 27.51 11.95
CA ARG A 47 11.91 26.47 13.02
C ARG A 47 11.08 25.28 12.57
N ILE A 48 11.40 24.10 13.10
CA ILE A 48 10.61 22.88 12.86
C ILE A 48 10.19 22.25 14.19
N TYR A 49 10.59 22.83 15.31
CA TYR A 49 10.30 22.34 16.68
C TYR A 49 9.32 23.29 17.38
N TYR A 50 8.33 22.70 18.07
CA TYR A 50 7.21 23.41 18.74
C TYR A 50 6.94 22.79 20.11
N PRO A 51 7.17 23.56 21.20
CA PRO A 51 6.87 23.10 22.55
C PRO A 51 5.36 22.94 22.74
N VAL A 52 4.94 22.00 23.57
CA VAL A 52 3.50 21.87 23.95
C VAL A 52 3.40 21.73 25.46
N GLY A 53 2.61 22.60 26.11
CA GLY A 53 2.46 22.55 27.57
C GLY A 53 3.80 22.60 28.29
N ASP A 54 3.89 21.97 29.45
CA ASP A 54 5.11 22.03 30.28
C ASP A 54 6.05 20.89 29.91
N ASP A 55 5.59 19.87 29.19
CA ASP A 55 6.36 18.61 29.18
C ASP A 55 6.31 17.91 27.82
N LYS A 56 5.80 18.54 26.76
CA LYS A 56 5.78 17.87 25.43
C LYS A 56 6.33 18.81 24.35
N GLY A 57 6.56 18.25 23.17
CA GLY A 57 7.00 19.01 22.00
C GLY A 57 6.98 18.12 20.79
N TYR A 58 6.90 18.69 19.60
CA TYR A 58 6.86 17.91 18.34
C TYR A 58 7.73 18.59 17.29
N MET A 59 8.22 17.76 16.37
CA MET A 59 8.93 18.14 15.12
C MET A 59 7.87 18.15 14.03
N LEU A 60 7.62 19.28 13.36
CA LEU A 60 6.52 19.44 12.36
C LEU A 60 7.05 19.14 10.96
N ASP A 61 6.44 18.17 10.26
CA ASP A 61 6.62 18.08 8.79
C ASP A 61 5.81 19.24 8.21
N THR A 62 6.49 20.34 7.92
CA THR A 62 5.88 21.63 7.50
C THR A 62 5.17 21.45 6.16
N GLY A 63 5.74 20.61 5.30
CA GLY A 63 5.22 20.34 3.95
C GLY A 63 3.91 19.58 3.98
N ASN A 64 3.74 18.67 4.94
CA ASN A 64 2.58 17.75 5.01
C ASN A 64 1.66 18.13 6.18
N ASP A 65 2.03 19.15 6.97
CA ASP A 65 1.26 19.65 8.14
C ASP A 65 0.89 18.49 9.06
N ASP A 66 1.84 17.61 9.36
CA ASP A 66 1.61 16.50 10.33
C ASP A 66 2.91 16.25 11.10
N VAL A 67 2.81 15.40 12.12
CA VAL A 67 3.94 14.98 13.00
C VAL A 67 4.25 13.51 12.68
N ARG A 68 5.49 13.22 12.26
CA ARG A 68 5.89 11.88 11.74
C ARG A 68 6.86 11.25 12.72
N SER A 69 6.81 9.92 12.88
CA SER A 69 7.74 9.21 13.78
C SER A 69 9.18 9.44 13.28
N GLU A 70 9.36 9.59 11.96
CA GLU A 70 10.66 9.99 11.37
C GLU A 70 11.17 11.26 12.08
N GLY A 71 10.38 12.33 12.04
CA GLY A 71 10.81 13.65 12.54
C GLY A 71 10.97 13.68 14.04
N MET A 72 10.08 13.02 14.77
CA MET A 72 10.15 12.89 16.25
C MET A 72 11.47 12.21 16.61
N SER A 73 11.75 11.05 16.02
CA SER A 73 12.98 10.25 16.28
C SER A 73 14.22 11.05 15.86
N TYR A 74 14.15 11.78 14.74
CA TYR A 74 15.24 12.69 14.28
C TYR A 74 15.49 13.77 15.34
N GLY A 75 14.44 14.43 15.80
CA GLY A 75 14.58 15.48 16.84
C GLY A 75 15.23 14.94 18.10
N MET A 76 14.87 13.72 18.51
CA MET A 76 15.51 13.11 19.70
C MET A 76 17.01 12.86 19.44
N MET A 77 17.38 12.41 18.24
CA MET A 77 18.81 12.16 17.93
C MET A 77 19.56 13.49 17.93
N MET A 78 18.99 14.53 17.33
CA MET A 78 19.67 15.85 17.32
C MET A 78 19.85 16.31 18.77
N ALA A 79 18.80 16.16 19.59
CA ALA A 79 18.79 16.65 21.00
C ALA A 79 19.91 15.98 21.78
N VAL A 80 20.06 14.66 21.63
CA VAL A 80 21.02 13.90 22.49
C VAL A 80 22.43 14.19 21.97
N GLN A 81 22.64 14.32 20.66
CA GLN A 81 23.96 14.69 20.06
C GLN A 81 24.36 16.10 20.50
N MET A 82 23.39 16.98 20.76
CA MET A 82 23.67 18.40 21.16
C MET A 82 23.59 18.54 22.68
N ASP A 83 23.41 17.45 23.42
CA ASP A 83 23.32 17.45 24.90
C ASP A 83 22.16 18.36 25.34
N LYS A 84 20.99 18.17 24.73
CA LYS A 84 19.79 19.03 24.98
C LYS A 84 18.67 18.17 25.57
N LYS A 85 18.82 17.86 26.85
CA LYS A 85 17.95 16.87 27.53
C LYS A 85 16.50 17.36 27.59
N HIS A 86 16.27 18.66 27.82
CA HIS A 86 14.89 19.19 28.03
C HIS A 86 14.05 18.98 26.77
N GLU A 87 14.61 19.31 25.61
CA GLU A 87 13.93 19.11 24.32
C GLU A 87 13.78 17.61 24.04
N PHE A 88 14.83 16.83 24.30
CA PHE A 88 14.80 15.35 24.08
C PHE A 88 13.58 14.78 24.80
N ASP A 89 13.49 15.11 26.10
CA ASP A 89 12.44 14.62 27.03
C ASP A 89 11.06 15.09 26.58
N ARG A 90 10.92 16.34 26.11
CA ARG A 90 9.64 16.84 25.55
C ARG A 90 9.23 16.04 24.32
N LEU A 91 10.16 15.81 23.38
CA LEU A 91 9.85 15.03 22.14
C LEU A 91 9.49 13.59 22.51
N TRP A 92 10.30 12.96 23.36
CA TRP A 92 10.06 11.54 23.76
C TRP A 92 8.69 11.42 24.42
N ASN A 93 8.36 12.35 25.31
CA ASN A 93 7.08 12.32 26.06
C ASN A 93 5.92 12.39 25.08
N TYR A 94 6.00 13.29 24.08
CA TYR A 94 5.01 13.38 22.99
C TYR A 94 4.88 12.02 22.27
N ALA A 95 5.98 11.43 21.80
CA ALA A 95 5.97 10.13 21.07
C ALA A 95 5.37 9.04 21.98
N TYR A 96 5.81 8.99 23.23
CA TYR A 96 5.38 7.98 24.23
C TYR A 96 3.87 8.11 24.46
N THR A 97 3.41 9.34 24.67
CA THR A 97 2.00 9.66 25.06
C THR A 97 1.04 9.48 23.88
N TYR A 98 1.37 9.97 22.67
CA TYR A 98 0.42 10.06 21.53
C TYR A 98 0.63 8.96 20.48
N MET A 99 1.85 8.49 20.28
CA MET A 99 2.21 7.72 19.05
C MET A 99 2.40 6.23 19.35
N GLN A 100 2.98 5.86 20.50
CA GLN A 100 3.32 4.45 20.79
C GLN A 100 2.04 3.67 21.10
N HIS A 101 1.84 2.55 20.41
CA HIS A 101 0.71 1.61 20.62
C HIS A 101 0.88 0.82 21.91
N THR A 102 -0.18 0.69 22.71
CA THR A 102 -0.15 -0.06 24.00
C THR A 102 -0.71 -1.47 23.81
N GLU A 103 -1.43 -1.73 22.71
CA GLU A 103 -2.07 -3.05 22.44
C GLU A 103 -2.17 -3.30 20.93
N GLY A 104 -2.46 -4.54 20.57
CA GLY A 104 -2.85 -4.94 19.21
C GLY A 104 -1.66 -5.30 18.36
N ARG A 105 -1.85 -5.37 17.05
CA ARG A 105 -0.84 -5.93 16.12
C ARG A 105 0.42 -5.05 16.08
N TYR A 106 0.32 -3.78 16.50
CA TYR A 106 1.44 -2.80 16.44
C TYR A 106 1.94 -2.42 17.84
N LYS A 107 1.63 -3.22 18.86
CA LYS A 107 2.00 -2.97 20.27
C LYS A 107 3.48 -2.59 20.36
N ASP A 108 3.79 -1.44 20.98
CA ASP A 108 5.16 -0.96 21.28
C ASP A 108 5.77 -0.26 20.06
N TYR A 109 5.20 -0.46 18.86
CA TYR A 109 5.51 0.38 17.66
C TYR A 109 4.85 1.76 17.83
N PHE A 110 5.24 2.70 16.96
CA PHE A 110 4.74 4.10 16.91
C PHE A 110 3.94 4.29 15.64
N ALA A 111 2.75 4.87 15.76
CA ALA A 111 1.91 5.28 14.60
C ALA A 111 2.74 6.27 13.77
N TRP A 112 2.85 6.06 12.46
CA TRP A 112 3.92 6.73 11.68
C TRP A 112 3.63 8.23 11.62
N HIS A 113 2.38 8.66 11.76
CA HIS A 113 2.08 10.12 11.73
C HIS A 113 0.81 10.43 12.52
N CYS A 114 0.72 11.65 13.01
CA CYS A 114 -0.44 12.15 13.77
C CYS A 114 -0.61 13.64 13.50
N LYS A 115 -1.77 14.18 13.84
CA LYS A 115 -1.98 15.65 13.80
C LYS A 115 -1.11 16.26 14.87
N PRO A 116 -0.70 17.55 14.74
CA PRO A 116 0.08 18.20 15.79
C PRO A 116 -0.54 18.11 17.21
N ASP A 117 -1.87 18.01 17.31
CA ASP A 117 -2.61 17.90 18.60
C ASP A 117 -2.51 16.47 19.17
N GLY A 118 -1.95 15.52 18.41
CA GLY A 118 -1.70 14.15 18.88
C GLY A 118 -2.72 13.13 18.40
N THR A 119 -3.76 13.56 17.68
CA THR A 119 -4.77 12.67 17.03
C THR A 119 -4.06 11.78 16.01
N ARG A 120 -4.07 10.46 16.19
CA ARG A 120 -3.42 9.52 15.26
C ARG A 120 -4.18 9.56 13.91
N LEU A 121 -3.44 9.53 12.80
CA LEU A 121 -3.97 9.64 11.42
C LEU A 121 -3.98 8.27 10.74
N SER A 122 -2.99 7.45 11.03
CA SER A 122 -2.89 6.03 10.59
C SER A 122 -2.19 5.25 11.70
N PRO A 123 -2.60 4.01 12.02
CA PRO A 123 -1.92 3.25 13.07
C PRO A 123 -0.61 2.58 12.64
N GLY A 124 -0.41 2.37 11.34
CA GLY A 124 0.77 1.65 10.79
C GLY A 124 2.07 2.38 11.12
N PRO A 125 3.15 1.63 11.46
CA PRO A 125 4.46 2.22 11.75
C PRO A 125 5.41 2.36 10.55
N ALA A 126 6.46 3.15 10.73
CA ALA A 126 7.57 3.38 9.79
C ALA A 126 8.87 2.96 10.46
N PRO A 127 9.44 1.78 10.12
CA PRO A 127 10.61 1.25 10.81
C PRO A 127 11.82 2.20 10.96
N ASP A 128 12.02 3.17 10.07
CA ASP A 128 13.16 4.13 10.24
C ASP A 128 12.90 4.99 11.48
N GLY A 129 11.64 5.13 11.87
CA GLY A 129 11.27 5.81 13.13
C GLY A 129 11.78 5.00 14.32
N GLU A 130 11.31 3.76 14.44
CA GLU A 130 11.65 2.84 15.56
C GLU A 130 13.18 2.75 15.75
N GLU A 131 13.95 2.55 14.69
CA GLU A 131 15.41 2.34 14.86
C GLU A 131 16.11 3.63 15.32
N PHE A 132 15.65 4.82 14.92
CA PHE A 132 16.22 6.08 15.47
C PHE A 132 15.77 6.30 16.90
N PHE A 133 14.51 6.02 17.23
CA PHE A 133 14.02 6.18 18.62
C PHE A 133 14.95 5.36 19.52
N ALA A 134 15.14 4.09 19.17
CA ALA A 134 15.92 3.12 19.96
C ALA A 134 17.35 3.65 20.12
N MET A 135 18.00 4.06 19.03
CA MET A 135 19.39 4.53 19.09
C MET A 135 19.48 5.81 19.93
N ALA A 136 18.57 6.75 19.74
CA ALA A 136 18.57 8.02 20.50
C ALA A 136 18.37 7.73 22.01
N LEU A 137 17.47 6.81 22.34
CA LEU A 137 17.17 6.44 23.76
C LEU A 137 18.39 5.75 24.39
N PHE A 138 19.07 4.89 23.64
CA PHE A 138 20.32 4.26 24.13
C PHE A 138 21.35 5.34 24.43
N PHE A 139 21.50 6.34 23.55
CA PHE A 139 22.48 7.44 23.74
C PHE A 139 22.06 8.29 24.95
N ALA A 140 20.77 8.55 25.11
CA ALA A 140 20.23 9.30 26.27
C ALA A 140 20.62 8.57 27.56
N SER A 141 20.44 7.26 27.60
CA SER A 141 20.76 6.45 28.80
C SER A 141 22.25 6.57 29.12
N ASN A 142 23.08 6.44 28.08
CA ASN A 142 24.55 6.44 28.27
C ASN A 142 24.98 7.85 28.64
N ARG A 143 24.33 8.91 28.12
CA ARG A 143 24.77 10.31 28.37
C ARG A 143 24.27 10.83 29.72
N TRP A 144 23.00 10.58 30.05
CA TRP A 144 22.25 11.24 31.16
C TRP A 144 21.81 10.27 32.25
N GLY A 145 21.76 8.98 31.96
CA GLY A 145 21.28 7.96 32.92
C GLY A 145 19.78 7.84 32.91
N ASP A 146 19.26 6.67 33.31
CA ASP A 146 17.80 6.40 33.26
C ASP A 146 17.13 7.10 34.43
N GLY A 147 15.92 7.58 34.18
CA GLY A 147 15.02 8.14 35.20
C GLY A 147 13.78 7.27 35.35
N PRO A 148 12.77 7.74 36.11
CA PRO A 148 11.52 6.99 36.24
C PRO A 148 10.81 6.93 34.88
N ALA A 149 9.94 5.94 34.67
CA ALA A 149 9.19 5.78 33.41
C ALA A 149 8.39 7.06 33.19
N PRO A 150 8.28 7.63 31.96
CA PRO A 150 8.79 7.01 30.72
C PRO A 150 10.25 7.34 30.38
N TYR A 151 10.99 7.99 31.28
CA TYR A 151 12.39 8.43 30.98
C TYR A 151 13.39 7.38 31.44
N ASP A 152 12.95 6.13 31.62
CA ASP A 152 13.83 4.94 31.79
C ASP A 152 14.33 4.53 30.40
N TYR A 153 15.22 5.34 29.82
CA TYR A 153 15.58 5.33 28.38
C TYR A 153 16.05 3.95 27.90
N GLN A 154 16.95 3.30 28.64
CA GLN A 154 17.54 1.99 28.19
C GLN A 154 16.42 0.96 28.06
N ALA A 155 15.54 0.84 29.07
CA ALA A 155 14.44 -0.16 29.05
C ALA A 155 13.43 0.19 27.93
N GLN A 156 13.22 1.48 27.69
CA GLN A 156 12.33 1.97 26.59
C GLN A 156 12.92 1.55 25.24
N ALA A 157 14.22 1.74 25.02
CA ALA A 157 14.92 1.33 23.78
C ALA A 157 14.75 -0.16 23.56
N ARG A 158 15.00 -0.96 24.60
CA ARG A 158 15.00 -2.46 24.55
C ARG A 158 13.60 -2.97 24.23
N LYS A 159 12.58 -2.31 24.78
CA LYS A 159 11.15 -2.58 24.51
C LYS A 159 10.84 -2.38 23.02
N ILE A 160 11.27 -1.27 22.43
CA ILE A 160 11.06 -1.00 20.98
C ILE A 160 11.72 -2.13 20.18
N LEU A 161 13.00 -2.42 20.43
CA LEU A 161 13.78 -3.37 19.60
C LEU A 161 13.29 -4.81 19.85
N HIS A 162 12.78 -5.10 21.05
CA HIS A 162 12.10 -6.41 21.31
C HIS A 162 10.93 -6.59 20.33
N ALA A 163 10.03 -5.61 20.24
CA ALA A 163 8.85 -5.67 19.35
C ALA A 163 9.34 -5.76 17.89
N CYS A 164 10.39 -5.00 17.54
CA CYS A 164 10.96 -4.98 16.17
C CYS A 164 11.30 -6.40 15.70
N LEU A 165 11.80 -7.25 16.59
CA LEU A 165 12.22 -8.62 16.18
C LEU A 165 11.14 -9.66 16.51
N HIS A 166 10.29 -9.43 17.51
CA HIS A 166 9.45 -10.50 18.10
C HIS A 166 7.95 -10.19 18.03
N GLN A 167 7.54 -9.13 17.32
CA GLN A 167 6.11 -8.76 17.18
C GLN A 167 5.31 -9.97 16.67
N GLY A 168 5.85 -10.78 15.75
CA GLY A 168 5.14 -11.94 15.17
C GLY A 168 4.77 -13.00 16.20
N GLU A 169 5.46 -12.98 17.35
CA GLU A 169 5.29 -13.98 18.43
C GLU A 169 4.21 -13.51 19.40
N GLN A 170 4.03 -12.19 19.54
CA GLN A 170 3.03 -11.59 20.47
C GLN A 170 1.59 -11.89 20.07
N GLY A 171 1.32 -12.17 18.80
CA GLY A 171 -0.06 -12.42 18.37
C GLY A 171 -0.18 -12.31 16.88
N GLU A 172 -0.88 -11.30 16.39
CA GLU A 172 -1.23 -11.21 14.95
C GLU A 172 -0.27 -10.30 14.18
N GLY A 173 0.64 -9.61 14.86
CA GLY A 173 1.51 -8.62 14.20
C GLY A 173 2.66 -9.25 13.42
N ASP A 174 3.58 -8.41 12.95
CA ASP A 174 4.73 -8.82 12.12
C ASP A 174 5.97 -8.06 12.58
N PRO A 175 7.16 -8.69 12.57
CA PRO A 175 8.40 -7.99 12.93
C PRO A 175 8.80 -7.00 11.83
N MET A 176 9.70 -6.09 12.17
CA MET A 176 10.18 -5.05 11.21
C MET A 176 11.42 -5.52 10.48
N TRP A 177 12.04 -6.61 10.96
CA TRP A 177 13.16 -7.28 10.26
C TRP A 177 12.67 -8.62 9.70
N GLU A 178 13.06 -8.96 8.48
CA GLU A 178 12.80 -10.31 7.90
C GLU A 178 13.80 -11.27 8.55
N PRO A 179 13.34 -12.29 9.32
CA PRO A 179 14.26 -13.17 10.03
C PRO A 179 15.18 -13.97 9.07
N SER A 180 14.70 -14.31 7.88
CA SER A 180 15.41 -15.17 6.90
C SER A 180 16.68 -14.48 6.35
N ASN A 181 16.66 -13.15 6.15
CA ASN A 181 17.81 -12.43 5.52
C ASN A 181 18.36 -11.32 6.45
N ARG A 182 17.78 -11.11 7.64
CA ARG A 182 18.22 -10.13 8.66
C ARG A 182 18.13 -8.69 8.13
N LEU A 183 17.22 -8.42 7.19
CA LEU A 183 17.09 -7.08 6.55
C LEU A 183 15.84 -6.36 7.08
N ILE A 184 15.98 -5.05 7.35
CA ILE A 184 14.83 -4.19 7.74
C ILE A 184 13.86 -4.10 6.55
N LYS A 185 12.56 -4.11 6.85
CA LYS A 185 11.49 -4.04 5.83
C LYS A 185 11.01 -2.60 5.66
N PHE A 186 10.29 -2.34 4.58
CA PHE A 186 9.66 -1.01 4.34
C PHE A 186 8.52 -0.79 5.36
N ILE A 187 7.61 -1.75 5.46
CA ILE A 187 6.60 -1.85 6.57
C ILE A 187 6.53 -3.31 7.00
N PRO A 188 6.04 -3.63 8.20
CA PRO A 188 6.05 -5.01 8.70
C PRO A 188 5.40 -6.05 7.76
N GLU A 189 4.37 -5.66 7.01
CA GLU A 189 3.52 -6.59 6.23
C GLU A 189 4.11 -6.93 4.87
N LEU A 190 5.00 -6.09 4.30
CA LEU A 190 5.40 -6.20 2.86
C LEU A 190 6.82 -6.76 2.71
N PRO A 191 7.06 -7.68 1.75
CA PRO A 191 8.36 -8.32 1.56
C PRO A 191 9.29 -7.54 0.62
N PHE A 192 9.55 -6.30 0.96
CA PHE A 192 10.64 -5.52 0.30
C PHE A 192 11.14 -4.50 1.30
N SER A 193 12.16 -3.76 0.87
CA SER A 193 12.91 -2.85 1.77
C SER A 193 12.96 -1.45 1.18
N ASP A 194 13.63 -0.57 1.92
CA ASP A 194 13.91 0.84 1.58
C ASP A 194 15.37 1.05 1.95
N PRO A 195 16.33 1.14 0.99
CA PRO A 195 17.75 1.22 1.33
C PRO A 195 18.15 2.31 2.33
N SER A 196 17.43 3.42 2.38
CA SER A 196 17.72 4.54 3.31
C SER A 196 17.41 4.14 4.77
N TYR A 197 16.65 3.06 4.98
CA TYR A 197 16.32 2.55 6.33
C TYR A 197 17.47 1.73 6.93
N HIS A 198 18.47 1.35 6.14
CA HIS A 198 19.56 0.43 6.56
C HIS A 198 20.67 1.21 7.28
N LEU A 199 20.80 0.95 8.57
CA LEU A 199 21.73 1.67 9.46
C LEU A 199 22.63 0.66 10.13
N PRO A 200 23.54 0.02 9.39
CA PRO A 200 24.42 -1.01 9.94
C PRO A 200 25.16 -0.55 11.20
N HIS A 201 25.58 0.70 11.22
CA HIS A 201 26.27 1.35 12.36
C HIS A 201 25.38 1.39 13.61
N PHE A 202 24.06 1.55 13.49
CA PHE A 202 23.20 1.48 14.71
C PHE A 202 23.07 0.01 15.13
N TYR A 203 23.06 -0.92 14.18
CA TYR A 203 22.85 -2.36 14.51
C TYR A 203 24.08 -2.84 15.28
N GLU A 204 25.27 -2.36 14.96
CA GLU A 204 26.50 -2.65 15.76
C GLU A 204 26.28 -2.29 17.22
N LEU A 205 25.69 -1.13 17.49
CA LEU A 205 25.42 -0.63 18.86
C LEU A 205 24.23 -1.38 19.48
N PHE A 206 23.25 -1.78 18.69
CA PHE A 206 22.14 -2.63 19.20
C PHE A 206 22.72 -3.97 19.66
N ALA A 207 23.77 -4.46 19.01
CA ALA A 207 24.43 -5.73 19.36
C ALA A 207 25.13 -5.60 20.72
N GLN A 208 25.40 -4.36 21.17
CA GLN A 208 26.00 -4.07 22.50
C GLN A 208 24.90 -3.82 23.54
N TYR A 209 23.82 -3.13 23.15
CA TYR A 209 22.91 -2.47 24.13
C TYR A 209 21.52 -3.13 24.20
N ALA A 210 21.11 -3.92 23.22
CA ALA A 210 19.75 -4.51 23.18
C ALA A 210 19.64 -5.65 24.18
N ASN A 211 18.45 -6.22 24.33
CA ASN A 211 18.23 -7.45 25.12
C ASN A 211 19.27 -8.50 24.70
N GLU A 212 19.85 -9.21 25.69
CA GLU A 212 20.97 -10.16 25.47
C GLU A 212 20.62 -11.19 24.39
N GLN A 213 19.39 -11.72 24.41
CA GLN A 213 18.94 -12.82 23.51
C GLN A 213 19.01 -12.36 22.05
N ASP A 214 18.99 -11.05 21.79
CA ASP A 214 18.90 -10.50 20.40
C ASP A 214 20.27 -10.04 19.90
N ARG A 215 21.31 -10.05 20.72
CA ARG A 215 22.59 -9.39 20.35
C ARG A 215 23.22 -10.07 19.13
N THR A 216 23.16 -11.40 19.02
CA THR A 216 23.69 -12.14 17.85
C THR A 216 22.98 -11.68 16.58
N PHE A 217 21.65 -11.58 16.61
CA PHE A 217 20.84 -11.14 15.45
C PHE A 217 21.31 -9.75 14.98
N TRP A 218 21.49 -8.82 15.92
CA TRP A 218 21.84 -7.41 15.59
C TRP A 218 23.22 -7.35 14.94
N LYS A 219 24.15 -8.20 15.38
CA LYS A 219 25.49 -8.29 14.76
C LYS A 219 25.34 -8.82 13.32
N GLU A 220 24.47 -9.80 13.10
CA GLU A 220 24.23 -10.37 11.74
C GLU A 220 23.55 -9.31 10.86
N ALA A 221 22.64 -8.52 11.46
CA ALA A 221 21.89 -7.45 10.78
C ALA A 221 22.86 -6.40 10.22
N ALA A 222 23.88 -6.04 11.01
CA ALA A 222 24.92 -5.06 10.63
C ALA A 222 25.60 -5.54 9.34
N GLU A 223 26.05 -6.79 9.33
CA GLU A 223 26.81 -7.39 8.18
C GLU A 223 25.81 -7.56 7.01
N ALA A 224 24.57 -7.98 7.26
CA ALA A 224 23.55 -8.17 6.19
C ALA A 224 23.26 -6.81 5.53
N SER A 225 23.14 -5.75 6.32
CA SER A 225 22.82 -4.39 5.79
C SER A 225 24.01 -3.83 4.98
N ARG A 226 25.25 -4.05 5.42
CA ARG A 226 26.41 -3.57 4.64
C ARG A 226 26.38 -4.26 3.27
N ALA A 227 26.21 -5.58 3.25
CA ALA A 227 26.09 -6.37 2.01
C ALA A 227 24.95 -5.83 1.16
N TYR A 228 23.78 -5.57 1.76
CA TYR A 228 22.56 -5.10 1.08
C TYR A 228 22.81 -3.77 0.37
N LEU A 229 23.41 -2.80 1.04
CA LEU A 229 23.70 -1.50 0.35
C LEU A 229 24.67 -1.72 -0.79
N ARG A 230 25.57 -2.70 -0.73
CA ARG A 230 26.44 -2.97 -1.92
C ARG A 230 25.57 -3.41 -3.11
N THR A 231 24.41 -4.04 -2.88
CA THR A 231 23.51 -4.54 -3.96
C THR A 231 22.52 -3.47 -4.42
N ALA A 232 22.15 -2.52 -3.55
CA ALA A 232 21.11 -1.50 -3.86
C ALA A 232 21.72 -0.32 -4.60
N CYS A 233 22.99 -0.01 -4.36
CA CYS A 233 23.59 1.23 -4.94
C CYS A 233 24.12 0.97 -6.35
N HIS A 234 23.81 1.87 -7.28
CA HIS A 234 24.18 1.75 -8.71
C HIS A 234 25.71 1.78 -8.81
N PRO A 235 26.32 0.86 -9.57
CA PRO A 235 27.78 0.72 -9.56
C PRO A 235 28.57 1.78 -10.34
N VAL A 236 27.88 2.57 -11.17
CA VAL A 236 28.48 3.73 -11.91
C VAL A 236 28.16 5.04 -11.15
N THR A 237 26.90 5.28 -10.82
CA THR A 237 26.40 6.60 -10.35
C THR A 237 26.42 6.68 -8.82
N GLY A 238 26.35 5.53 -8.13
CA GLY A 238 26.22 5.45 -6.66
C GLY A 238 24.80 5.72 -6.19
N LEU A 239 23.86 5.96 -7.11
CA LEU A 239 22.45 6.25 -6.77
C LEU A 239 21.70 4.96 -6.45
N SER A 240 20.67 5.09 -5.62
CA SER A 240 19.85 3.99 -5.10
C SER A 240 18.39 4.33 -5.27
N PRO A 241 17.52 3.31 -5.33
CA PRO A 241 16.08 3.52 -5.41
C PRO A 241 15.48 3.80 -4.03
N GLU A 242 14.33 4.47 -3.99
CA GLU A 242 13.63 4.74 -2.71
C GLU A 242 13.22 3.38 -2.10
N TYR A 243 12.55 2.52 -2.86
CA TYR A 243 12.19 1.15 -2.39
C TYR A 243 12.93 0.12 -3.23
N ALA A 244 13.43 -0.92 -2.57
CA ALA A 244 14.22 -1.99 -3.24
C ALA A 244 13.76 -3.35 -2.75
N ASN A 245 13.79 -4.33 -3.64
CA ASN A 245 13.64 -5.78 -3.32
C ASN A 245 14.79 -6.22 -2.40
N TYR A 246 14.64 -7.40 -1.77
CA TYR A 246 15.65 -7.98 -0.87
C TYR A 246 16.95 -8.24 -1.63
N ASP A 247 16.88 -8.36 -2.97
CA ASP A 247 18.05 -8.62 -3.85
C ASP A 247 18.70 -7.29 -4.29
N GLY A 248 18.15 -6.14 -3.90
CA GLY A 248 18.78 -4.82 -4.15
C GLY A 248 18.19 -4.10 -5.35
N THR A 249 17.51 -4.82 -6.25
CA THR A 249 16.85 -4.20 -7.46
C THR A 249 15.67 -3.33 -7.01
N PRO A 250 15.33 -2.27 -7.79
CA PRO A 250 14.18 -1.43 -7.47
C PRO A 250 12.90 -2.26 -7.36
N ALA A 251 12.15 -2.04 -6.30
CA ALA A 251 10.88 -2.74 -6.01
C ALA A 251 9.85 -2.30 -7.04
N PRO A 252 8.77 -3.08 -7.27
CA PRO A 252 7.73 -2.69 -8.21
C PRO A 252 7.06 -1.36 -7.84
N VAL A 253 6.44 -0.71 -8.82
CA VAL A 253 5.57 0.48 -8.58
C VAL A 253 4.50 0.07 -7.56
N GLN A 254 4.26 0.93 -6.57
CA GLN A 254 3.31 0.63 -5.46
C GLN A 254 2.02 1.41 -5.72
N LEU A 255 0.94 1.06 -5.02
CA LEU A 255 -0.38 1.72 -5.20
C LEU A 255 -0.25 3.21 -4.88
N HIS A 256 0.67 3.60 -3.99
CA HIS A 256 0.82 5.00 -3.52
C HIS A 256 1.93 5.72 -4.29
N GLY A 257 2.60 5.06 -5.25
CA GLY A 257 3.47 5.74 -6.23
C GLY A 257 4.66 4.91 -6.67
N ASP A 258 5.49 5.54 -7.51
CA ASP A 258 6.66 4.92 -8.18
C ASP A 258 7.91 5.32 -7.39
N PHE A 259 8.52 4.36 -6.68
CA PHE A 259 9.65 4.58 -5.73
C PHE A 259 10.90 3.93 -6.32
N ARG A 260 10.93 3.72 -7.63
CA ARG A 260 12.04 3.01 -8.31
C ARG A 260 13.24 3.92 -8.52
N HIS A 261 13.08 5.22 -8.31
CA HIS A 261 14.05 6.25 -8.75
C HIS A 261 14.76 6.89 -7.57
N PHE A 262 15.75 7.74 -7.88
CA PHE A 262 16.53 8.49 -6.88
C PHE A 262 15.80 9.79 -6.56
N TYR A 263 15.17 9.80 -5.39
CA TYR A 263 14.34 10.90 -4.83
C TYR A 263 14.50 10.88 -3.30
N SER A 264 13.71 11.70 -2.60
CA SER A 264 13.85 12.12 -1.18
C SER A 264 14.37 11.02 -0.24
N ASP A 265 13.75 9.85 -0.17
CA ASP A 265 14.19 8.79 0.80
C ASP A 265 15.66 8.44 0.55
N ALA A 266 16.01 8.20 -0.71
CA ALA A 266 17.31 7.60 -1.12
C ALA A 266 18.47 8.55 -0.83
N TYR A 267 18.22 9.84 -0.61
CA TYR A 267 19.31 10.81 -0.30
C TYR A 267 20.09 10.35 0.93
N ARG A 268 19.41 9.73 1.89
CA ARG A 268 20.00 9.39 3.21
C ARG A 268 20.99 8.25 3.07
N VAL A 269 20.94 7.44 1.99
CA VAL A 269 21.89 6.32 1.84
C VAL A 269 23.34 6.84 1.90
N ALA A 270 23.65 7.92 1.18
CA ALA A 270 25.04 8.44 1.09
C ALA A 270 25.49 8.87 2.48
N ALA A 271 24.57 9.44 3.25
CA ALA A 271 24.81 9.94 4.62
C ALA A 271 25.08 8.74 5.54
N ASN A 272 24.26 7.70 5.43
CA ASN A 272 24.26 6.51 6.32
C ASN A 272 25.54 5.69 6.12
N VAL A 273 25.90 5.46 4.87
CA VAL A 273 27.16 4.74 4.52
C VAL A 273 28.37 5.52 5.03
N ALA A 274 28.38 6.85 4.85
CA ALA A 274 29.49 7.73 5.32
C ALA A 274 29.65 7.63 6.84
N LEU A 275 28.55 7.59 7.61
CA LEU A 275 28.66 7.56 9.09
C LEU A 275 29.15 6.17 9.53
N ASP A 276 28.70 5.09 8.88
CA ASP A 276 29.17 3.71 9.20
C ASP A 276 30.68 3.62 8.99
N TRP A 277 31.17 4.22 7.90
CA TRP A 277 32.62 4.27 7.61
C TRP A 277 33.34 5.03 8.72
N GLU A 278 32.84 6.22 9.08
CA GLU A 278 33.44 7.07 10.15
C GLU A 278 33.50 6.28 11.47
N TRP A 279 32.38 5.66 11.89
CA TRP A 279 32.28 4.99 13.21
C TRP A 279 33.07 3.66 13.24
N PHE A 280 32.96 2.83 12.19
CA PHE A 280 33.39 1.40 12.26
C PHE A 280 34.46 1.06 11.22
N ARG A 281 34.56 1.80 10.11
CA ARG A 281 35.67 1.70 9.12
C ARG A 281 35.79 0.24 8.65
N LYS A 282 34.66 -0.44 8.41
CA LYS A 282 34.63 -1.92 8.20
C LYS A 282 34.58 -2.31 6.71
N ASP A 283 33.92 -1.53 5.86
CA ASP A 283 33.67 -1.90 4.43
C ASP A 283 34.24 -0.81 3.54
N PRO A 284 35.43 -1.05 2.95
CA PRO A 284 36.10 -0.04 2.12
C PRO A 284 35.38 0.23 0.79
N TRP A 285 34.39 -0.59 0.40
CA TRP A 285 33.51 -0.23 -0.75
C TRP A 285 32.85 1.12 -0.44
N GLN A 286 32.66 1.44 0.85
CA GLN A 286 31.95 2.66 1.29
C GLN A 286 32.67 3.90 0.77
N VAL A 287 34.00 3.85 0.71
CA VAL A 287 34.82 4.99 0.20
C VAL A 287 34.50 5.18 -1.29
N GLN A 288 34.44 4.09 -2.07
CA GLN A 288 34.20 4.17 -3.52
C GLN A 288 32.75 4.62 -3.77
N GLN A 289 31.78 4.09 -3.03
CA GLN A 289 30.35 4.50 -3.10
C GLN A 289 30.26 6.01 -2.85
N SER A 290 30.91 6.50 -1.80
CA SER A 290 30.92 7.95 -1.48
C SER A 290 31.55 8.76 -2.65
N ASN A 291 32.70 8.33 -3.17
CA ASN A 291 33.36 9.01 -4.33
C ASN A 291 32.40 9.07 -5.55
N ARG A 292 31.66 7.98 -5.80
CA ARG A 292 30.80 7.84 -7.00
C ARG A 292 29.66 8.83 -6.93
N ILE A 293 28.93 8.84 -5.82
CA ILE A 293 27.75 9.75 -5.74
C ILE A 293 28.25 11.19 -5.78
N GLN A 294 29.40 11.52 -5.16
CA GLN A 294 29.93 12.91 -5.22
C GLN A 294 30.35 13.25 -6.65
N ALA A 295 31.03 12.34 -7.34
CA ALA A 295 31.38 12.48 -8.76
C ALA A 295 30.09 12.73 -9.57
N PHE A 296 29.01 11.97 -9.31
CA PHE A 296 27.74 12.09 -10.07
C PHE A 296 27.21 13.53 -9.95
N PHE A 297 27.30 14.16 -8.79
CA PHE A 297 26.70 15.50 -8.53
C PHE A 297 27.75 16.62 -8.62
N SER A 298 28.99 16.31 -9.00
CA SER A 298 30.11 17.29 -8.91
C SER A 298 29.82 18.53 -9.76
N ASP A 299 29.27 18.35 -10.97
CA ASP A 299 29.06 19.46 -11.95
C ASP A 299 27.58 19.81 -12.08
N ILE A 300 26.76 19.46 -11.09
CA ILE A 300 25.30 19.76 -11.13
C ILE A 300 24.99 20.80 -10.06
N ASP A 301 24.39 21.92 -10.47
CA ASP A 301 23.97 22.98 -9.52
C ASP A 301 22.85 22.43 -8.65
N VAL A 302 22.86 22.77 -7.36
CA VAL A 302 21.81 22.37 -6.38
C VAL A 302 20.44 22.82 -6.89
N SER A 303 20.33 23.99 -7.51
CA SER A 303 19.03 24.49 -8.00
C SER A 303 18.57 23.71 -9.24
N ASP A 304 19.44 22.87 -9.81
CA ASP A 304 19.15 22.04 -11.00
C ASP A 304 18.91 20.58 -10.60
N TYR A 305 19.08 20.21 -9.33
CA TYR A 305 18.86 18.80 -8.89
C TYR A 305 17.46 18.35 -9.33
N ARG A 306 17.37 17.18 -9.94
CA ARG A 306 16.10 16.59 -10.43
C ARG A 306 15.81 15.29 -9.68
N ARG A 307 14.70 14.64 -10.00
CA ARG A 307 14.56 13.19 -9.80
C ARG A 307 15.45 12.52 -10.85
N TYR A 308 16.08 11.39 -10.53
CA TYR A 308 16.97 10.68 -11.48
C TYR A 308 16.62 9.19 -11.47
N THR A 309 16.76 8.52 -12.61
CA THR A 309 16.75 7.04 -12.61
C THR A 309 18.07 6.64 -11.94
N ILE A 310 18.22 5.40 -11.49
CA ILE A 310 19.46 5.05 -10.73
C ILE A 310 20.66 4.98 -11.69
N GLU A 311 20.45 4.85 -13.02
CA GLU A 311 21.56 4.91 -14.01
C GLU A 311 21.86 6.39 -14.38
N GLY A 312 21.15 7.34 -13.77
CA GLY A 312 21.50 8.78 -13.79
C GLY A 312 20.74 9.59 -14.85
N GLU A 313 19.68 9.03 -15.43
CA GLU A 313 18.88 9.77 -16.45
C GLU A 313 18.02 10.76 -15.69
N PRO A 314 18.14 12.08 -15.97
CA PRO A 314 17.36 13.09 -15.26
C PRO A 314 15.92 13.11 -15.76
N PHE A 315 14.97 13.25 -14.83
CA PHE A 315 13.57 13.62 -15.11
C PHE A 315 13.51 15.15 -15.31
N ASN A 316 12.43 15.65 -15.89
CA ASN A 316 12.22 17.11 -16.01
C ASN A 316 11.92 17.66 -14.60
N GLU A 317 11.26 16.85 -13.79
CA GLU A 317 10.80 17.18 -12.41
C GLU A 317 12.00 17.54 -11.53
N PRO A 318 11.92 18.63 -10.74
CA PRO A 318 12.98 19.01 -9.81
C PRO A 318 12.96 18.13 -8.55
N ALA A 319 14.09 18.05 -7.84
CA ALA A 319 14.11 17.52 -6.46
C ALA A 319 13.16 18.37 -5.62
N ALA A 320 12.32 17.75 -4.80
CA ALA A 320 11.48 18.46 -3.82
C ALA A 320 12.37 19.02 -2.71
N HIS A 321 13.44 18.32 -2.35
CA HIS A 321 14.32 18.69 -1.21
C HIS A 321 15.77 18.79 -1.67
N PRO A 322 16.14 19.82 -2.46
CA PRO A 322 17.51 19.89 -3.00
C PRO A 322 18.59 20.24 -1.98
N VAL A 323 18.24 20.99 -0.92
CA VAL A 323 19.16 21.29 0.20
C VAL A 323 19.44 19.99 0.96
N GLY A 324 18.42 19.15 1.19
CA GLY A 324 18.58 17.81 1.76
C GLY A 324 19.56 16.95 0.96
N LEU A 325 19.39 16.94 -0.36
CA LEU A 325 20.30 16.20 -1.26
C LEU A 325 21.72 16.76 -1.13
N LEU A 326 21.91 18.08 -1.22
CA LEU A 326 23.27 18.69 -1.06
C LEU A 326 23.85 18.24 0.28
N ALA A 327 23.07 18.27 1.36
CA ALA A 327 23.51 17.88 2.72
C ALA A 327 24.04 16.44 2.73
N THR A 328 23.31 15.48 2.15
CA THR A 328 23.70 14.04 2.18
C THR A 328 24.96 13.86 1.33
N ASN A 329 25.03 14.58 0.20
CA ASN A 329 26.21 14.54 -0.71
C ASN A 329 27.44 15.06 0.03
N ALA A 330 27.30 16.12 0.82
CA ALA A 330 28.40 16.71 1.61
C ALA A 330 28.78 15.73 2.73
N MET A 331 27.81 15.07 3.33
CA MET A 331 28.06 14.14 4.47
C MET A 331 28.89 12.94 3.99
N ALA A 332 28.82 12.62 2.69
CA ALA A 332 29.61 11.54 2.05
C ALA A 332 31.11 11.85 2.15
N SER A 333 31.49 13.09 2.47
CA SER A 333 32.91 13.51 2.65
C SER A 333 33.54 12.85 3.89
N LEU A 334 32.74 12.33 4.85
CA LEU A 334 33.31 11.49 5.93
C LEU A 334 34.04 10.27 5.34
N ALA A 335 33.65 9.79 4.16
CA ALA A 335 34.20 8.54 3.57
C ALA A 335 34.94 8.82 2.26
N ALA A 336 34.46 9.76 1.45
CA ALA A 336 35.02 10.04 0.10
C ALA A 336 36.46 10.55 0.27
N ASP A 337 37.35 10.11 -0.60
CA ASP A 337 38.76 10.62 -0.67
C ASP A 337 39.04 11.11 -2.09
N GLY A 338 37.99 11.35 -2.88
CA GLY A 338 38.10 11.78 -4.29
C GLY A 338 38.25 13.28 -4.43
N PRO A 339 38.24 13.81 -5.68
CA PRO A 339 38.52 15.22 -5.93
C PRO A 339 37.38 16.19 -5.59
N ASP A 340 36.26 15.68 -5.08
CA ASP A 340 35.02 16.45 -4.88
C ASP A 340 34.74 16.62 -3.38
N ALA A 341 35.38 15.84 -2.51
CA ALA A 341 35.06 15.85 -1.06
C ALA A 341 35.16 17.27 -0.51
N ASP A 342 36.28 17.94 -0.78
CA ASP A 342 36.60 19.23 -0.15
C ASP A 342 35.60 20.28 -0.66
N SER A 343 35.26 20.24 -1.94
CA SER A 343 34.33 21.25 -2.51
C SER A 343 32.90 21.06 -2.00
N PHE A 344 32.43 19.84 -1.72
CA PHE A 344 31.06 19.64 -1.16
C PHE A 344 30.97 20.16 0.27
N VAL A 345 32.05 19.99 1.03
CA VAL A 345 32.16 20.50 2.43
C VAL A 345 32.03 22.02 2.39
N LYS A 346 32.75 22.67 1.48
CA LYS A 346 32.72 24.15 1.34
C LYS A 346 31.34 24.59 0.84
N ARG A 347 30.78 23.89 -0.14
CA ARG A 347 29.45 24.25 -0.72
C ARG A 347 28.41 24.21 0.40
N PHE A 348 28.50 23.19 1.26
CA PHE A 348 27.53 22.99 2.36
C PHE A 348 27.66 24.13 3.38
N TRP A 349 28.90 24.44 3.77
CA TRP A 349 29.21 25.52 4.75
C TRP A 349 28.53 26.81 4.28
N ASN A 350 28.54 27.07 2.98
CA ASN A 350 28.06 28.34 2.38
C ASN A 350 26.57 28.26 2.09
N THR A 351 25.91 27.14 2.40
CA THR A 351 24.45 26.93 2.19
C THR A 351 23.72 27.18 3.50
N PRO A 352 22.69 28.06 3.53
CA PRO A 352 21.89 28.27 4.74
C PRO A 352 20.75 27.24 4.87
N LEU A 353 20.17 27.17 6.06
CA LEU A 353 18.93 26.38 6.30
C LEU A 353 17.87 26.79 5.28
N ARG A 354 17.05 25.83 4.85
CA ARG A 354 15.88 26.15 4.01
C ARG A 354 14.83 26.86 4.86
N GLN A 355 14.05 27.76 4.24
CA GLN A 355 12.87 28.41 4.87
C GLN A 355 11.59 28.08 4.07
N GLY A 356 10.44 28.34 4.69
CA GLY A 356 9.11 28.21 4.07
C GLY A 356 8.58 26.78 4.14
N LYS A 357 7.51 26.51 3.40
CA LYS A 357 6.57 25.37 3.65
C LYS A 357 7.30 24.03 3.57
N ARG A 358 8.30 23.86 2.71
CA ARG A 358 8.90 22.54 2.40
C ARG A 358 10.16 22.25 3.23
N ARG A 359 10.40 23.04 4.29
CA ARG A 359 11.75 23.14 4.90
C ARG A 359 12.09 21.93 5.77
N TYR A 360 11.09 21.23 6.30
CA TYR A 360 11.28 20.19 7.35
C TYR A 360 12.36 19.19 6.92
N TYR A 361 12.16 18.51 5.80
CA TYR A 361 13.04 17.37 5.41
C TYR A 361 14.46 17.86 5.11
N ASP A 362 14.56 18.93 4.33
CA ASP A 362 15.88 19.53 4.00
C ASP A 362 16.65 19.83 5.30
N ASN A 363 15.98 20.46 6.25
CA ASN A 363 16.61 21.01 7.48
C ASN A 363 17.01 19.87 8.44
N CYS A 364 16.27 18.76 8.45
CA CYS A 364 16.66 17.57 9.24
C CYS A 364 18.00 17.03 8.70
N LEU A 365 18.06 16.78 7.39
CA LEU A 365 19.28 16.22 6.72
C LEU A 365 20.43 17.22 6.88
N TYR A 366 20.16 18.52 6.70
CA TYR A 366 21.13 19.63 6.92
C TYR A 366 21.76 19.50 8.30
N PHE A 367 20.94 19.41 9.35
CA PHE A 367 21.46 19.39 10.74
C PHE A 367 22.36 18.18 10.96
N PHE A 368 21.96 17.00 10.49
CA PHE A 368 22.77 15.77 10.67
C PHE A 368 24.12 15.94 9.96
N THR A 369 24.13 16.61 8.81
CA THR A 369 25.39 16.91 8.10
C THR A 369 26.23 17.92 8.90
N MET A 370 25.61 18.93 9.49
CA MET A 370 26.35 19.97 10.26
C MET A 370 27.01 19.31 11.47
N LEU A 371 26.26 18.44 12.15
CA LEU A 371 26.81 17.59 13.25
C LEU A 371 28.01 16.79 12.73
N ALA A 372 27.82 16.03 11.66
CA ALA A 372 28.81 15.04 11.17
C ALA A 372 30.08 15.73 10.69
N LEU A 373 29.96 16.80 9.90
CA LEU A 373 31.14 17.44 9.28
C LEU A 373 31.94 18.20 10.34
N SER A 374 31.33 18.53 11.48
CA SER A 374 31.99 19.24 12.60
C SER A 374 32.59 18.22 13.59
N GLY A 375 32.37 16.92 13.36
CA GLY A 375 32.86 15.82 14.21
C GLY A 375 32.04 15.67 15.49
N ASN A 376 30.75 15.99 15.44
CA ASN A 376 29.85 15.99 16.63
C ASN A 376 28.72 14.95 16.48
N TYR A 377 28.76 14.08 15.47
CA TYR A 377 27.78 12.97 15.36
C TYR A 377 28.47 11.73 15.91
N ARG A 378 28.32 11.50 17.21
CA ARG A 378 29.21 10.57 17.96
C ARG A 378 28.44 9.39 18.57
N VAL A 379 29.18 8.34 18.84
CA VAL A 379 28.70 7.21 19.66
C VAL A 379 28.83 7.65 21.11
N TYR A 380 27.75 7.57 21.89
CA TYR A 380 27.79 7.77 23.37
C TYR A 380 27.76 6.42 24.07
N GLN A 381 28.91 6.00 24.62
CA GLN A 381 29.02 4.64 25.23
C GLN A 381 28.77 4.62 26.73
N GLN A 382 28.83 3.39 27.23
CA GLN A 382 28.86 2.85 28.63
C GLN A 382 27.61 1.96 28.76
N LYS B 6 -36.78 -22.12 -1.91
CA LYS B 6 -35.58 -22.67 -2.60
C LYS B 6 -35.05 -21.65 -3.62
N GLY B 7 -33.73 -21.59 -3.77
CA GLY B 7 -33.07 -20.67 -4.71
C GLY B 7 -33.11 -21.18 -6.14
N ALA B 8 -32.69 -20.36 -7.10
CA ALA B 8 -32.64 -20.69 -8.54
C ALA B 8 -31.70 -21.87 -8.78
N TYR B 9 -30.68 -22.03 -7.94
CA TYR B 9 -29.76 -23.20 -8.00
C TYR B 9 -30.58 -24.50 -7.92
N ASP B 10 -31.59 -24.53 -7.05
CA ASP B 10 -32.40 -25.76 -6.77
C ASP B 10 -33.56 -25.89 -7.77
N THR B 11 -34.24 -24.79 -8.09
CA THR B 11 -35.52 -24.78 -8.86
C THR B 11 -35.25 -24.70 -10.37
N GLY B 12 -34.13 -24.10 -10.76
CA GLY B 12 -33.82 -23.80 -12.17
C GLY B 12 -34.65 -22.62 -12.68
N THR B 13 -35.38 -21.93 -11.79
CA THR B 13 -36.24 -20.77 -12.15
C THR B 13 -35.57 -19.48 -11.68
N TYR B 14 -35.38 -18.55 -12.60
CA TYR B 14 -34.74 -17.24 -12.35
C TYR B 14 -35.78 -16.13 -12.44
N ALA B 15 -35.84 -15.28 -11.40
CA ALA B 15 -36.75 -14.11 -11.36
C ALA B 15 -36.43 -13.19 -12.53
N ASN B 16 -37.46 -12.78 -13.27
CA ASN B 16 -37.35 -11.78 -14.35
C ASN B 16 -38.07 -10.53 -13.83
N LEU B 17 -37.34 -9.61 -13.22
CA LEU B 17 -37.95 -8.43 -12.57
C LEU B 17 -38.41 -7.42 -13.62
N PHE B 18 -37.83 -7.42 -14.81
CA PHE B 18 -38.33 -6.53 -15.89
C PHE B 18 -39.74 -6.97 -16.27
N GLN B 19 -39.97 -8.28 -16.35
CA GLN B 19 -41.29 -8.87 -16.71
C GLN B 19 -42.30 -8.58 -15.60
N ARG B 20 -41.88 -8.73 -14.33
CA ARG B 20 -42.76 -8.53 -13.15
C ARG B 20 -43.28 -7.11 -13.15
N SER B 21 -42.37 -6.31 -13.65
CA SER B 21 -42.53 -4.86 -13.69
C SER B 21 -43.41 -4.41 -14.87
N GLY B 22 -43.70 -5.24 -15.89
CA GLY B 22 -44.62 -4.83 -16.97
C GLY B 22 -43.96 -4.87 -18.34
N TYR B 23 -42.63 -4.93 -18.43
CA TYR B 23 -41.96 -4.94 -19.75
C TYR B 23 -42.24 -6.27 -20.46
N ARG B 24 -42.27 -6.22 -21.78
CA ARG B 24 -42.62 -7.40 -22.63
C ARG B 24 -41.39 -8.27 -22.83
N GLU B 25 -41.57 -9.59 -22.84
CA GLU B 25 -40.50 -10.60 -23.02
C GLU B 25 -39.64 -10.23 -24.24
N ASP B 26 -40.25 -9.92 -25.38
CA ASP B 26 -39.52 -9.59 -26.63
C ASP B 26 -38.69 -8.32 -26.45
N GLU B 27 -39.22 -7.28 -25.81
CA GLU B 27 -38.45 -6.03 -25.66
C GLU B 27 -37.32 -6.22 -24.63
N ILE B 28 -37.48 -7.14 -23.67
CA ILE B 28 -36.44 -7.41 -22.63
C ILE B 28 -35.25 -8.10 -23.31
N LYS B 29 -35.47 -9.19 -24.02
CA LYS B 29 -34.36 -9.93 -24.69
C LYS B 29 -33.65 -8.99 -25.68
N ALA B 30 -34.39 -8.15 -26.43
CA ALA B 30 -33.78 -7.24 -27.41
C ALA B 30 -32.91 -6.19 -26.69
N ARG B 31 -33.36 -5.72 -25.53
CA ARG B 31 -32.63 -4.71 -24.72
C ARG B 31 -31.32 -5.35 -24.22
N LEU B 32 -31.37 -6.60 -23.76
CA LEU B 32 -30.17 -7.31 -23.24
C LEU B 32 -29.20 -7.52 -24.41
N GLU B 33 -29.73 -7.98 -25.53
CA GLU B 33 -28.97 -8.17 -26.78
C GLU B 33 -28.26 -6.89 -27.17
N GLN B 34 -28.98 -5.77 -27.16
CA GLN B 34 -28.42 -4.47 -27.60
C GLN B 34 -27.40 -3.96 -26.59
N THR B 35 -27.56 -4.29 -25.31
CA THR B 35 -26.56 -3.86 -24.30
C THR B 35 -25.25 -4.56 -24.63
N TRP B 36 -25.33 -5.86 -24.89
CA TRP B 36 -24.18 -6.67 -25.33
C TRP B 36 -23.52 -6.02 -26.54
N ASN B 37 -24.29 -5.79 -27.61
CA ASN B 37 -23.73 -5.28 -28.89
C ASN B 37 -23.05 -3.92 -28.70
N ASP B 38 -23.64 -3.02 -27.91
CA ASP B 38 -23.06 -1.68 -27.69
C ASP B 38 -21.75 -1.77 -26.90
N LEU B 39 -21.69 -2.60 -25.86
CA LEU B 39 -20.49 -2.66 -25.01
C LEU B 39 -19.32 -3.36 -25.71
N PHE B 40 -19.58 -4.42 -26.47
CA PHE B 40 -18.52 -5.21 -27.16
C PHE B 40 -18.28 -4.73 -28.60
N TYR B 41 -19.29 -4.20 -29.29
CA TYR B 41 -19.17 -3.86 -30.74
C TYR B 41 -19.73 -2.47 -31.06
N GLY B 42 -19.87 -1.62 -30.05
CA GLY B 42 -20.51 -0.32 -30.24
C GLY B 42 -19.53 0.73 -30.74
N ASP B 43 -19.93 1.99 -30.67
CA ASP B 43 -19.14 3.11 -31.22
C ASP B 43 -17.96 3.43 -30.28
N GLU B 44 -17.08 4.32 -30.72
CA GLU B 44 -15.79 4.62 -30.05
C GLU B 44 -16.03 5.26 -28.67
N HIS B 45 -17.25 5.73 -28.37
CA HIS B 45 -17.62 6.46 -27.12
C HIS B 45 -18.33 5.57 -26.10
N THR B 46 -18.63 4.32 -26.49
CA THR B 46 -19.54 3.41 -25.76
C THR B 46 -18.83 2.08 -25.47
N ARG B 47 -18.19 1.48 -26.45
CA ARG B 47 -17.61 0.11 -26.32
C ARG B 47 -16.51 0.09 -25.26
N ILE B 48 -16.34 -1.06 -24.62
CA ILE B 48 -15.22 -1.27 -23.65
C ILE B 48 -14.41 -2.52 -24.03
N TYR B 49 -14.83 -3.22 -25.09
CA TYR B 49 -14.15 -4.44 -25.61
C TYR B 49 -13.43 -4.14 -26.93
N TYR B 50 -12.21 -4.69 -27.07
CA TYR B 50 -11.31 -4.45 -28.21
C TYR B 50 -10.65 -5.76 -28.63
N PRO B 51 -10.94 -6.25 -29.86
CA PRO B 51 -10.26 -7.43 -30.40
C PRO B 51 -8.78 -7.16 -30.62
N VAL B 52 -7.93 -8.17 -30.47
CA VAL B 52 -6.49 -8.04 -30.83
C VAL B 52 -6.09 -9.25 -31.67
N GLY B 53 -5.56 -9.00 -32.86
CA GLY B 53 -5.16 -10.07 -33.79
C GLY B 53 -6.27 -11.08 -34.04
N ASP B 54 -5.93 -12.34 -34.29
CA ASP B 54 -6.95 -13.36 -34.58
C ASP B 54 -7.51 -13.98 -33.30
N ASP B 55 -6.84 -13.85 -32.15
CA ASP B 55 -7.17 -14.76 -31.04
C ASP B 55 -7.09 -14.09 -29.67
N LYS B 56 -7.00 -12.75 -29.59
CA LYS B 56 -6.98 -12.08 -28.27
C LYS B 56 -7.98 -10.93 -28.24
N GLY B 57 -8.19 -10.39 -27.05
CA GLY B 57 -9.07 -9.23 -26.84
C GLY B 57 -8.95 -8.78 -25.41
N TYR B 58 -9.25 -7.51 -25.15
CA TYR B 58 -9.18 -6.98 -23.77
C TYR B 58 -10.37 -6.08 -23.49
N MET B 59 -10.72 -6.00 -22.20
CA MET B 59 -11.71 -5.05 -21.63
C MET B 59 -10.91 -3.84 -21.14
N LEU B 60 -11.18 -2.63 -21.65
CA LEU B 60 -10.39 -1.41 -21.35
C LEU B 60 -11.01 -0.67 -20.16
N ASP B 61 -10.23 -0.45 -19.10
CA ASP B 61 -10.62 0.57 -18.10
C ASP B 61 -10.35 1.92 -18.77
N THR B 62 -11.39 2.50 -19.35
CA THR B 62 -11.31 3.72 -20.18
C THR B 62 -10.83 4.89 -19.32
N GLY B 63 -11.26 4.93 -18.06
CA GLY B 63 -10.89 6.03 -17.14
C GLY B 63 -9.42 6.02 -16.77
N ASN B 64 -8.80 4.84 -16.70
CA ASN B 64 -7.39 4.69 -16.23
C ASN B 64 -6.47 4.30 -17.40
N ASP B 65 -7.04 4.10 -18.59
CA ASP B 65 -6.33 3.69 -19.84
C ASP B 65 -5.43 2.47 -19.56
N ASP B 66 -5.95 1.47 -18.87
CA ASP B 66 -5.20 0.21 -18.67
C ASP B 66 -6.18 -0.96 -18.74
N VAL B 67 -5.63 -2.16 -18.72
CA VAL B 67 -6.39 -3.44 -18.73
C VAL B 67 -6.24 -4.07 -17.34
N ARG B 68 -7.36 -4.31 -16.65
CA ARG B 68 -7.38 -4.76 -15.24
C ARG B 68 -7.89 -6.19 -15.18
N SER B 69 -7.38 -7.01 -14.26
CA SER B 69 -7.84 -8.41 -14.12
C SER B 69 -9.33 -8.37 -13.74
N GLU B 70 -9.77 -7.34 -13.01
CA GLU B 70 -11.22 -7.09 -12.73
C GLU B 70 -11.99 -7.11 -14.07
N GLY B 71 -11.62 -6.24 -15.01
CA GLY B 71 -12.38 -6.05 -16.27
C GLY B 71 -12.29 -7.26 -17.18
N MET B 72 -11.11 -7.87 -17.27
CA MET B 72 -10.91 -9.11 -18.07
C MET B 72 -11.84 -10.21 -17.54
N SER B 73 -11.80 -10.46 -16.22
CA SER B 73 -12.62 -11.50 -15.56
C SER B 73 -14.11 -11.15 -15.70
N TYR B 74 -14.48 -9.87 -15.61
CA TYR B 74 -15.87 -9.39 -15.83
C TYR B 74 -16.31 -9.72 -17.26
N GLY B 75 -15.48 -9.36 -18.25
CA GLY B 75 -15.77 -9.65 -19.67
C GLY B 75 -16.00 -11.14 -19.89
N MET B 76 -15.18 -11.99 -19.28
CA MET B 76 -15.37 -13.45 -19.40
C MET B 76 -16.73 -13.90 -18.78
N MET B 77 -17.16 -13.41 -17.58
CA MET B 77 -18.50 -13.73 -16.99
C MET B 77 -19.58 -13.27 -17.96
N MET B 78 -19.48 -12.04 -18.49
CA MET B 78 -20.55 -11.54 -19.39
C MET B 78 -20.63 -12.48 -20.60
N ALA B 79 -19.49 -12.83 -21.19
CA ALA B 79 -19.46 -13.64 -22.43
C ALA B 79 -20.11 -14.99 -22.18
N VAL B 80 -19.77 -15.64 -21.06
CA VAL B 80 -20.25 -17.03 -20.83
C VAL B 80 -21.75 -16.97 -20.50
N GLN B 81 -22.21 -15.95 -19.76
CA GLN B 81 -23.66 -15.74 -19.48
C GLN B 81 -24.43 -15.45 -20.77
N MET B 82 -23.81 -14.81 -21.75
CA MET B 82 -24.46 -14.47 -23.05
C MET B 82 -24.17 -15.53 -24.11
N ASP B 83 -23.50 -16.64 -23.74
CA ASP B 83 -23.18 -17.77 -24.66
C ASP B 83 -22.34 -17.24 -25.82
N LYS B 84 -21.28 -16.49 -25.50
CA LYS B 84 -20.42 -15.82 -26.50
C LYS B 84 -18.99 -16.35 -26.38
N LYS B 85 -18.80 -17.56 -26.90
N LYS B 85 -18.79 -17.58 -26.87
CA LYS B 85 -17.56 -18.32 -26.70
CA LYS B 85 -17.53 -18.32 -26.66
C LYS B 85 -16.37 -17.62 -27.37
C LYS B 85 -16.35 -17.66 -27.39
N HIS B 86 -16.56 -17.03 -28.55
CA HIS B 86 -15.44 -16.45 -29.34
C HIS B 86 -14.81 -15.30 -28.55
N GLU B 87 -15.63 -14.41 -28.00
CA GLU B 87 -15.14 -13.28 -27.17
C GLU B 87 -14.55 -13.82 -25.86
N PHE B 88 -15.20 -14.81 -25.23
CA PHE B 88 -14.73 -15.41 -23.97
C PHE B 88 -13.28 -15.89 -24.18
N ASP B 89 -13.08 -16.67 -25.25
CA ASP B 89 -11.80 -17.31 -25.61
C ASP B 89 -10.75 -16.24 -25.93
N ARG B 90 -11.12 -15.17 -26.63
CA ARG B 90 -10.19 -14.05 -26.89
C ARG B 90 -9.75 -13.38 -25.57
N LEU B 91 -10.69 -13.07 -24.68
CA LEU B 91 -10.38 -12.44 -23.36
C LEU B 91 -9.50 -13.39 -22.53
N TRP B 92 -9.88 -14.66 -22.44
CA TRP B 92 -9.13 -15.65 -21.62
C TRP B 92 -7.69 -15.77 -22.17
N ASN B 93 -7.55 -15.84 -23.49
CA ASN B 93 -6.23 -16.01 -24.14
C ASN B 93 -5.34 -14.83 -23.78
N TYR B 94 -5.89 -13.60 -23.85
CA TYR B 94 -5.17 -12.37 -23.43
C TYR B 94 -4.70 -12.50 -21.96
N ALA B 95 -5.60 -12.83 -21.03
CA ALA B 95 -5.29 -12.96 -19.58
C ALA B 95 -4.21 -14.03 -19.40
N TYR B 96 -4.40 -15.19 -20.04
CA TYR B 96 -3.49 -16.36 -19.94
C TYR B 96 -2.09 -15.96 -20.44
N THR B 97 -2.04 -15.30 -21.60
CA THR B 97 -0.80 -14.96 -22.34
C THR B 97 -0.03 -13.82 -21.64
N TYR B 98 -0.70 -12.74 -21.22
CA TYR B 98 -0.03 -11.49 -20.76
C TYR B 98 -0.04 -11.34 -19.24
N MET B 99 -1.05 -11.83 -18.54
CA MET B 99 -1.32 -11.42 -17.14
C MET B 99 -0.95 -12.51 -16.13
N GLN B 100 -1.16 -13.80 -16.45
CA GLN B 100 -0.96 -14.90 -15.46
C GLN B 100 0.55 -15.13 -15.27
N HIS B 101 1.00 -15.12 -14.03
CA HIS B 101 2.41 -15.39 -13.62
C HIS B 101 2.73 -16.88 -13.77
N THR B 102 3.89 -17.19 -14.34
CA THR B 102 4.35 -18.59 -14.55
C THR B 102 5.35 -19.01 -13.46
N GLU B 103 5.91 -18.04 -12.72
CA GLU B 103 6.91 -18.33 -11.65
C GLU B 103 6.84 -17.28 -10.53
N GLY B 104 7.45 -17.61 -9.39
CA GLY B 104 7.73 -16.65 -8.30
C GLY B 104 6.58 -16.58 -7.32
N ARG B 105 6.55 -15.53 -6.50
CA ARG B 105 5.65 -15.45 -5.31
C ARG B 105 4.19 -15.38 -5.75
N TYR B 106 3.91 -14.99 -7.00
CA TYR B 106 2.53 -14.80 -7.52
C TYR B 106 2.18 -15.85 -8.60
N LYS B 107 2.93 -16.95 -8.65
CA LYS B 107 2.74 -18.03 -9.66
C LYS B 107 1.25 -18.42 -9.75
N ASP B 108 0.67 -18.37 -10.95
CA ASP B 108 -0.71 -18.82 -11.28
C ASP B 108 -1.72 -17.71 -10.95
N TYR B 109 -1.32 -16.69 -10.18
CA TYR B 109 -2.11 -15.43 -10.04
C TYR B 109 -1.94 -14.59 -11.32
N PHE B 110 -2.78 -13.55 -11.44
CA PHE B 110 -2.79 -12.59 -12.58
C PHE B 110 -2.32 -11.23 -12.08
N ALA B 111 -1.40 -10.61 -12.82
CA ALA B 111 -0.96 -9.21 -12.58
C ALA B 111 -2.21 -8.34 -12.67
N TRP B 112 -2.44 -7.48 -11.70
CA TRP B 112 -3.80 -6.88 -11.58
C TRP B 112 -4.04 -5.93 -12.76
N HIS B 113 -3.01 -5.39 -13.39
CA HIS B 113 -3.24 -4.50 -14.54
C HIS B 113 -2.05 -4.49 -15.47
N CYS B 114 -2.30 -4.17 -16.74
CA CYS B 114 -1.25 -4.08 -17.78
C CYS B 114 -1.66 -3.01 -18.79
N LYS B 115 -0.70 -2.59 -19.60
CA LYS B 115 -1.00 -1.70 -20.74
C LYS B 115 -1.84 -2.49 -21.74
N PRO B 116 -2.65 -1.83 -22.59
CA PRO B 116 -3.41 -2.54 -23.63
C PRO B 116 -2.56 -3.48 -24.52
N ASP B 117 -1.28 -3.16 -24.74
CA ASP B 117 -0.33 -3.99 -25.53
C ASP B 117 0.14 -5.23 -24.75
N GLY B 118 -0.18 -5.34 -23.46
CA GLY B 118 0.11 -6.54 -22.65
C GLY B 118 1.32 -6.37 -21.73
N THR B 119 2.03 -5.23 -21.80
CA THR B 119 3.15 -4.88 -20.90
C THR B 119 2.62 -4.79 -19.46
N ARG B 120 3.10 -5.64 -18.55
CA ARG B 120 2.62 -5.62 -17.14
C ARG B 120 3.11 -4.32 -16.49
N LEU B 121 2.25 -3.72 -15.65
CA LEU B 121 2.47 -2.41 -14.98
C LEU B 121 2.86 -2.61 -13.52
N SER B 122 2.26 -3.60 -12.86
CA SER B 122 2.72 -4.12 -11.54
C SER B 122 2.43 -5.60 -11.48
N PRO B 123 3.25 -6.39 -10.77
CA PRO B 123 3.05 -7.84 -10.71
C PRO B 123 1.96 -8.29 -9.71
N GLY B 124 1.64 -7.46 -8.72
CA GLY B 124 0.71 -7.82 -7.65
C GLY B 124 -0.69 -8.14 -8.17
N PRO B 125 -1.38 -9.16 -7.62
CA PRO B 125 -2.74 -9.50 -8.03
C PRO B 125 -3.86 -8.81 -7.24
N ALA B 126 -5.08 -8.89 -7.80
CA ALA B 126 -6.34 -8.38 -7.20
C ALA B 126 -7.29 -9.57 -7.08
N PRO B 127 -7.46 -10.13 -5.85
CA PRO B 127 -8.26 -11.34 -5.67
C PRO B 127 -9.67 -11.35 -6.28
N ASP B 128 -10.34 -10.20 -6.45
CA ASP B 128 -11.69 -10.20 -7.09
C ASP B 128 -11.54 -10.62 -8.57
N GLY B 129 -10.35 -10.43 -9.13
CA GLY B 129 -10.06 -10.93 -10.48
C GLY B 129 -10.05 -12.45 -10.51
N GLU B 130 -9.17 -13.05 -9.72
CA GLU B 130 -8.99 -14.53 -9.63
C GLU B 130 -10.34 -15.23 -9.40
N GLU B 131 -11.16 -14.78 -8.46
CA GLU B 131 -12.42 -15.49 -8.15
C GLU B 131 -13.42 -15.40 -9.32
N PHE B 132 -13.48 -14.28 -10.06
CA PHE B 132 -14.34 -14.21 -11.27
C PHE B 132 -13.76 -15.06 -12.41
N PHE B 133 -12.45 -15.04 -12.61
CA PHE B 133 -11.83 -15.87 -13.68
C PHE B 133 -12.25 -17.33 -13.43
N ALA B 134 -12.04 -17.80 -12.19
CA ALA B 134 -12.33 -19.20 -11.80
C ALA B 134 -13.80 -19.51 -12.08
N MET B 135 -14.72 -18.66 -11.61
CA MET B 135 -16.17 -18.92 -11.77
C MET B 135 -16.52 -18.91 -13.27
N ALA B 136 -16.02 -17.95 -14.03
CA ALA B 136 -16.34 -17.86 -15.48
C ALA B 136 -15.81 -19.11 -16.21
N LEU B 137 -14.61 -19.57 -15.85
CA LEU B 137 -13.97 -20.76 -16.50
C LEU B 137 -14.77 -22.02 -16.13
N PHE B 138 -15.23 -22.15 -14.89
CA PHE B 138 -16.09 -23.29 -14.49
C PHE B 138 -17.37 -23.27 -15.35
N PHE B 139 -17.99 -22.10 -15.54
CA PHE B 139 -19.23 -21.98 -16.34
C PHE B 139 -18.93 -22.30 -17.81
N ALA B 140 -17.79 -21.85 -18.33
CA ALA B 140 -17.35 -22.15 -19.72
C ALA B 140 -17.25 -23.67 -19.88
N SER B 141 -16.64 -24.35 -18.93
CA SER B 141 -16.46 -25.83 -18.99
C SER B 141 -17.83 -26.50 -19.01
N ASN B 142 -18.73 -26.06 -18.17
CA ASN B 142 -20.06 -26.70 -18.06
C ASN B 142 -20.88 -26.35 -19.29
N ARG B 143 -20.72 -25.16 -19.89
CA ARG B 143 -21.54 -24.73 -21.05
C ARG B 143 -21.03 -25.34 -22.36
N TRP B 144 -19.71 -25.32 -22.57
CA TRP B 144 -19.05 -25.60 -23.88
C TRP B 144 -18.13 -26.84 -23.85
N GLY B 145 -17.70 -27.28 -22.67
CA GLY B 145 -16.77 -28.42 -22.54
C GLY B 145 -15.32 -27.98 -22.70
N ASP B 146 -14.39 -28.74 -22.11
CA ASP B 146 -12.96 -28.36 -22.11
C ASP B 146 -12.37 -28.68 -23.48
N GLY B 147 -11.44 -27.83 -23.92
CA GLY B 147 -10.63 -28.05 -25.12
C GLY B 147 -9.16 -28.18 -24.75
N PRO B 148 -8.25 -28.18 -25.74
CA PRO B 148 -6.82 -28.26 -25.46
C PRO B 148 -6.38 -26.99 -24.71
N ALA B 149 -5.29 -27.06 -23.96
CA ALA B 149 -4.75 -25.92 -23.21
C ALA B 149 -4.47 -24.79 -24.20
N PRO B 150 -4.76 -23.50 -23.89
CA PRO B 150 -5.24 -23.06 -22.58
C PRO B 150 -6.76 -23.10 -22.37
N TYR B 151 -7.52 -23.70 -23.29
CA TYR B 151 -9.00 -23.69 -23.24
C TYR B 151 -9.51 -24.95 -22.53
N ASP B 152 -8.66 -25.61 -21.73
CA ASP B 152 -9.03 -26.68 -20.78
C ASP B 152 -9.59 -25.99 -19.53
N TYR B 153 -10.79 -25.41 -19.64
CA TYR B 153 -11.36 -24.40 -18.71
C TYR B 153 -11.40 -24.91 -17.27
N GLN B 154 -11.91 -26.13 -17.03
CA GLN B 154 -12.07 -26.68 -15.66
C GLN B 154 -10.70 -26.76 -14.98
N ALA B 155 -9.69 -27.32 -15.65
CA ALA B 155 -8.33 -27.48 -15.05
C ALA B 155 -7.71 -26.10 -14.82
N GLN B 156 -7.97 -25.14 -15.72
CA GLN B 156 -7.50 -23.73 -15.58
C GLN B 156 -8.12 -23.12 -14.32
N ALA B 157 -9.43 -23.27 -14.12
CA ALA B 157 -10.15 -22.76 -12.92
C ALA B 157 -9.52 -23.34 -11.64
N ARG B 158 -9.30 -24.66 -11.63
CA ARG B 158 -8.81 -25.42 -10.44
C ARG B 158 -7.39 -24.99 -10.09
N LYS B 159 -6.59 -24.71 -11.11
N LYS B 159 -6.59 -24.71 -11.11
CA LYS B 159 -5.20 -24.17 -10.98
CA LYS B 159 -5.21 -24.15 -11.00
C LYS B 159 -5.23 -22.81 -10.27
C LYS B 159 -5.25 -22.83 -10.25
N ILE B 160 -6.10 -21.90 -10.69
CA ILE B 160 -6.24 -20.57 -10.06
C ILE B 160 -6.61 -20.78 -8.58
N LEU B 161 -7.66 -21.55 -8.29
CA LEU B 161 -8.20 -21.70 -6.91
C LEU B 161 -7.20 -22.50 -6.03
N HIS B 162 -6.43 -23.41 -6.62
CA HIS B 162 -5.31 -24.08 -5.89
C HIS B 162 -4.33 -23.04 -5.36
N ALA B 163 -3.83 -22.16 -6.22
CA ALA B 163 -2.87 -21.10 -5.85
C ALA B 163 -3.53 -20.17 -4.80
N CYS B 164 -4.82 -19.85 -4.98
CA CYS B 164 -5.58 -18.98 -4.06
C CYS B 164 -5.49 -19.48 -2.61
N LEU B 165 -5.51 -20.80 -2.40
CA LEU B 165 -5.48 -21.36 -1.02
C LEU B 165 -4.08 -21.82 -0.62
N HIS B 166 -3.20 -22.15 -1.56
CA HIS B 166 -1.95 -22.91 -1.26
C HIS B 166 -0.68 -22.17 -1.66
N GLN B 167 -0.79 -20.95 -2.20
CA GLN B 167 0.39 -20.11 -2.56
C GLN B 167 1.28 -19.97 -1.32
N GLY B 168 2.59 -20.16 -1.50
CA GLY B 168 3.55 -20.03 -0.37
C GLY B 168 3.60 -21.28 0.47
N GLU B 169 3.11 -22.42 -0.05
CA GLU B 169 3.41 -23.76 0.53
C GLU B 169 4.79 -24.19 -0.01
N GLN B 170 5.18 -23.80 -1.24
CA GLN B 170 6.57 -24.08 -1.75
C GLN B 170 7.34 -22.84 -2.18
N GLY B 171 6.97 -21.66 -1.72
CA GLY B 171 7.71 -20.48 -2.15
C GLY B 171 7.73 -19.39 -1.11
N GLU B 172 7.69 -18.17 -1.60
CA GLU B 172 7.73 -16.94 -0.77
C GLU B 172 6.33 -16.35 -0.66
N GLY B 173 5.36 -16.88 -1.40
CA GLY B 173 4.08 -16.18 -1.65
C GLY B 173 3.11 -16.27 -0.49
N ASP B 174 1.88 -15.79 -0.70
CA ASP B 174 0.81 -15.79 0.32
C ASP B 174 -0.50 -16.17 -0.34
N PRO B 175 -1.39 -16.92 0.35
CA PRO B 175 -2.71 -17.21 -0.19
C PRO B 175 -3.61 -15.96 -0.20
N MET B 176 -4.70 -16.03 -0.96
CA MET B 176 -5.65 -14.90 -1.12
C MET B 176 -6.76 -15.00 -0.08
N TRP B 177 -6.90 -16.15 0.58
CA TRP B 177 -7.82 -16.33 1.73
C TRP B 177 -7.01 -16.46 3.02
N GLU B 178 -7.47 -15.83 4.10
CA GLU B 178 -6.88 -16.01 5.45
C GLU B 178 -7.38 -17.36 5.96
N PRO B 179 -6.50 -18.35 6.21
CA PRO B 179 -6.95 -19.68 6.63
C PRO B 179 -7.69 -19.67 7.97
N SER B 180 -7.32 -18.77 8.88
CA SER B 180 -7.85 -18.71 10.28
C SER B 180 -9.34 -18.32 10.30
N ASN B 181 -9.81 -17.47 9.39
CA ASN B 181 -11.22 -16.97 9.41
C ASN B 181 -11.95 -17.27 8.08
N ARG B 182 -11.28 -17.88 7.10
CA ARG B 182 -11.84 -18.32 5.79
C ARG B 182 -12.34 -17.11 4.96
N LEU B 183 -11.74 -15.92 5.17
CA LEU B 183 -12.16 -14.66 4.49
C LEU B 183 -11.16 -14.27 3.41
N ILE B 184 -11.69 -13.82 2.26
CA ILE B 184 -10.86 -13.28 1.15
C ILE B 184 -10.18 -11.99 1.62
N LYS B 185 -8.92 -11.80 1.25
CA LYS B 185 -8.12 -10.62 1.63
C LYS B 185 -8.18 -9.57 0.52
N PHE B 186 -7.80 -8.34 0.85
CA PHE B 186 -7.71 -7.23 -0.14
C PHE B 186 -6.57 -7.53 -1.13
N ILE B 187 -5.37 -7.80 -0.61
CA ILE B 187 -4.24 -8.40 -1.39
C ILE B 187 -3.60 -9.48 -0.52
N PRO B 188 -2.83 -10.43 -1.09
CA PRO B 188 -2.29 -11.54 -0.30
C PRO B 188 -1.48 -11.15 0.95
N GLU B 189 -0.79 -10.01 0.92
CA GLU B 189 0.19 -9.60 1.96
C GLU B 189 -0.49 -8.92 3.15
N LEU B 190 -1.69 -8.34 3.00
CA LEU B 190 -2.27 -7.41 4.02
C LEU B 190 -3.43 -8.05 4.77
N PRO B 191 -3.50 -7.88 6.12
CA PRO B 191 -4.50 -8.53 6.95
C PRO B 191 -5.80 -7.72 7.09
N PHE B 192 -6.42 -7.40 5.96
CA PHE B 192 -7.79 -6.83 5.95
C PHE B 192 -8.44 -7.23 4.64
N SER B 193 -9.70 -6.84 4.51
CA SER B 193 -10.55 -7.29 3.39
C SER B 193 -11.17 -6.11 2.66
N ASP B 194 -11.95 -6.43 1.63
CA ASP B 194 -12.76 -5.51 0.81
C ASP B 194 -14.12 -6.19 0.68
N PRO B 195 -15.19 -5.73 1.36
CA PRO B 195 -16.49 -6.41 1.35
C PRO B 195 -17.07 -6.72 -0.03
N SER B 196 -16.76 -5.91 -1.05
CA SER B 196 -17.23 -6.13 -2.44
C SER B 196 -16.57 -7.39 -3.06
N TYR B 197 -15.47 -7.86 -2.48
CA TYR B 197 -14.76 -9.08 -2.96
C TYR B 197 -15.44 -10.37 -2.49
N HIS B 198 -16.40 -10.30 -1.54
CA HIS B 198 -17.03 -11.48 -0.91
C HIS B 198 -18.19 -12.00 -1.77
N LEU B 199 -17.99 -13.18 -2.36
CA LEU B 199 -18.94 -13.79 -3.32
C LEU B 199 -19.33 -15.16 -2.78
N PRO B 200 -20.11 -15.22 -1.68
CA PRO B 200 -20.44 -16.50 -1.07
C PRO B 200 -21.10 -17.47 -2.07
N HIS B 201 -21.90 -16.94 -2.98
CA HIS B 201 -22.58 -17.70 -4.06
C HIS B 201 -21.57 -18.37 -5.00
N PHE B 202 -20.41 -17.77 -5.27
CA PHE B 202 -19.35 -18.45 -6.08
C PHE B 202 -18.69 -19.53 -5.23
N TYR B 203 -18.52 -19.29 -3.94
CA TYR B 203 -17.79 -20.24 -3.05
C TYR B 203 -18.63 -21.52 -2.93
N GLU B 204 -19.97 -21.41 -2.91
CA GLU B 204 -20.88 -22.59 -2.96
C GLU B 204 -20.55 -23.46 -4.17
N LEU B 205 -20.33 -22.83 -5.33
CA LEU B 205 -20.04 -23.55 -6.61
C LEU B 205 -18.58 -24.03 -6.61
N PHE B 206 -17.66 -23.31 -5.97
CA PHE B 206 -16.27 -23.79 -5.81
C PHE B 206 -16.27 -25.05 -4.96
N ALA B 207 -17.19 -25.16 -4.00
CA ALA B 207 -17.31 -26.34 -3.12
C ALA B 207 -17.79 -27.55 -3.93
N GLN B 208 -18.37 -27.34 -5.11
CA GLN B 208 -18.80 -28.41 -6.05
C GLN B 208 -17.70 -28.71 -7.07
N TYR B 209 -16.99 -27.68 -7.56
CA TYR B 209 -16.19 -27.77 -8.81
C TYR B 209 -14.68 -27.72 -8.57
N ALA B 210 -14.20 -27.25 -7.43
CA ALA B 210 -12.75 -27.07 -7.18
C ALA B 210 -12.10 -28.42 -6.92
N ASN B 211 -10.77 -28.44 -6.78
CA ASN B 211 -10.01 -29.65 -6.36
C ASN B 211 -10.68 -30.23 -5.10
N GLU B 212 -10.82 -31.55 -5.05
CA GLU B 212 -11.58 -32.26 -3.98
C GLU B 212 -11.07 -31.86 -2.60
N GLN B 213 -9.74 -31.76 -2.42
CA GLN B 213 -9.11 -31.50 -1.09
C GLN B 213 -9.56 -30.13 -0.55
N ASP B 214 -10.02 -29.22 -1.41
CA ASP B 214 -10.33 -27.83 -1.02
C ASP B 214 -11.85 -27.63 -0.83
N ARG B 215 -12.68 -28.63 -1.14
CA ARG B 215 -14.15 -28.41 -1.22
C ARG B 215 -14.71 -28.05 0.16
N THR B 216 -14.23 -28.66 1.25
CA THR B 216 -14.67 -28.34 2.62
C THR B 216 -14.39 -26.86 2.92
N PHE B 217 -13.19 -26.39 2.62
CA PHE B 217 -12.80 -24.97 2.83
C PHE B 217 -13.78 -24.04 2.13
N TRP B 218 -14.11 -24.33 0.86
CA TRP B 218 -14.95 -23.44 0.03
C TRP B 218 -16.36 -23.37 0.60
N LYS B 219 -16.85 -24.48 1.15
CA LYS B 219 -18.16 -24.54 1.84
C LYS B 219 -18.12 -23.64 3.08
N GLU B 220 -17.03 -23.68 3.84
CA GLU B 220 -16.89 -22.86 5.08
C GLU B 220 -16.73 -21.39 4.67
N ALA B 221 -16.05 -21.12 3.55
CA ALA B 221 -15.82 -19.76 3.02
C ALA B 221 -17.17 -19.10 2.70
N ALA B 222 -18.09 -19.86 2.09
CA ALA B 222 -19.45 -19.38 1.74
C ALA B 222 -20.15 -18.87 3.01
N GLU B 223 -20.14 -19.68 4.07
CA GLU B 223 -20.79 -19.35 5.37
C GLU B 223 -20.03 -18.18 6.02
N ALA B 224 -18.70 -18.19 6.00
CA ALA B 224 -17.86 -17.14 6.62
C ALA B 224 -18.15 -15.80 5.92
N SER B 225 -18.26 -15.80 4.60
CA SER B 225 -18.51 -14.56 3.81
C SER B 225 -19.92 -14.01 4.08
N ARG B 226 -20.92 -14.88 4.19
CA ARG B 226 -22.31 -14.42 4.50
C ARG B 226 -22.29 -13.73 5.88
N ALA B 227 -21.68 -14.35 6.88
CA ALA B 227 -21.53 -13.79 8.24
C ALA B 227 -20.77 -12.47 8.17
N TYR B 228 -19.69 -12.40 7.39
CA TYR B 228 -18.81 -11.22 7.25
C TYR B 228 -19.61 -10.03 6.70
N LEU B 229 -20.36 -10.23 5.62
CA LEU B 229 -21.18 -9.11 5.08
C LEU B 229 -22.20 -8.65 6.12
N ARG B 230 -22.68 -9.52 7.01
CA ARG B 230 -23.61 -9.06 8.09
C ARG B 230 -22.87 -8.06 9.00
N THR B 231 -21.54 -8.19 9.16
CA THR B 231 -20.71 -7.33 10.07
C THR B 231 -20.23 -6.08 9.36
N ALA B 232 -20.06 -6.11 8.03
CA ALA B 232 -19.51 -4.99 7.23
C ALA B 232 -20.58 -3.97 6.88
N CYS B 233 -21.82 -4.43 6.69
CA CYS B 233 -22.90 -3.54 6.18
C CYS B 233 -23.57 -2.79 7.33
N HIS B 234 -23.73 -1.48 7.17
CA HIS B 234 -24.29 -0.58 8.21
C HIS B 234 -25.72 -1.01 8.51
N PRO B 235 -26.09 -1.15 9.78
CA PRO B 235 -27.36 -1.78 10.15
C PRO B 235 -28.61 -0.91 9.92
N VAL B 236 -28.41 0.40 9.73
CA VAL B 236 -29.50 1.38 9.40
C VAL B 236 -29.50 1.64 7.89
N THR B 237 -28.36 2.00 7.30
CA THR B 237 -28.29 2.54 5.92
C THR B 237 -28.06 1.42 4.89
N GLY B 238 -27.49 0.29 5.33
CA GLY B 238 -27.09 -0.83 4.46
C GLY B 238 -25.79 -0.55 3.71
N LEU B 239 -25.16 0.62 3.94
CA LEU B 239 -23.91 1.01 3.26
C LEU B 239 -22.72 0.31 3.92
N SER B 240 -21.69 0.07 3.12
CA SER B 240 -20.48 -0.67 3.52
C SER B 240 -19.26 0.14 3.11
N PRO B 241 -18.13 -0.08 3.79
CA PRO B 241 -16.87 0.57 3.44
C PRO B 241 -16.19 -0.14 2.26
N GLU B 242 -15.36 0.59 1.52
CA GLU B 242 -14.57 0.00 0.39
C GLU B 242 -13.62 -1.07 0.98
N TYR B 243 -12.84 -0.75 2.01
CA TYR B 243 -11.96 -1.72 2.71
C TYR B 243 -12.43 -1.87 4.15
N ALA B 244 -12.41 -3.09 4.65
CA ALA B 244 -12.88 -3.42 6.01
C ALA B 244 -11.90 -4.36 6.69
N ASN B 245 -11.76 -4.22 8.01
CA ASN B 245 -11.08 -5.19 8.90
C ASN B 245 -11.83 -6.53 8.89
N TYR B 246 -11.19 -7.57 9.40
CA TYR B 246 -11.77 -8.94 9.49
C TYR B 246 -13.01 -8.92 10.37
N ASP B 247 -13.12 -7.93 11.28
CA ASP B 247 -14.27 -7.78 12.21
C ASP B 247 -15.40 -6.96 11.56
N GLY B 248 -15.21 -6.46 10.34
CA GLY B 248 -16.28 -5.78 9.57
C GLY B 248 -16.19 -4.26 9.65
N THR B 249 -15.48 -3.70 10.64
CA THR B 249 -15.27 -2.23 10.77
C THR B 249 -14.41 -1.72 9.62
N PRO B 250 -14.59 -0.43 9.21
CA PRO B 250 -13.77 0.17 8.17
C PRO B 250 -12.28 0.08 8.53
N ALA B 251 -11.48 -0.37 7.56
CA ALA B 251 -10.02 -0.53 7.71
C ALA B 251 -9.40 0.87 7.86
N PRO B 252 -8.18 0.99 8.43
CA PRO B 252 -7.51 2.27 8.51
C PRO B 252 -7.26 2.92 7.13
N VAL B 253 -7.07 4.23 7.13
CA VAL B 253 -6.64 4.98 5.92
C VAL B 253 -5.33 4.35 5.42
N GLN B 254 -5.24 4.11 4.11
CA GLN B 254 -4.09 3.42 3.49
C GLN B 254 -3.19 4.48 2.82
N LEU B 255 -1.96 4.11 2.48
CA LEU B 255 -1.01 5.06 1.83
C LEU B 255 -1.58 5.56 0.51
N HIS B 256 -2.43 4.77 -0.17
CA HIS B 256 -2.97 5.11 -1.51
C HIS B 256 -4.38 5.70 -1.40
N GLY B 257 -4.92 5.85 -0.18
CA GLY B 257 -6.13 6.67 0.03
C GLY B 257 -7.01 6.19 1.17
N ASP B 258 -8.13 6.89 1.36
CA ASP B 258 -9.12 6.66 2.44
C ASP B 258 -10.27 5.84 1.86
N PHE B 259 -10.38 4.57 2.26
CA PHE B 259 -11.34 3.58 1.71
C PHE B 259 -12.38 3.24 2.79
N ARG B 260 -12.56 4.14 3.76
CA ARG B 260 -13.45 3.91 4.92
C ARG B 260 -14.91 4.17 4.55
N HIS B 261 -15.16 4.75 3.38
CA HIS B 261 -16.47 5.32 3.01
C HIS B 261 -17.17 4.50 1.92
N PHE B 262 -18.42 4.87 1.65
CA PHE B 262 -19.23 4.24 0.58
C PHE B 262 -18.93 4.95 -0.74
N TYR B 263 -18.15 4.25 -1.58
CA TYR B 263 -17.66 4.71 -2.90
C TYR B 263 -17.53 3.47 -3.81
N SER B 264 -16.95 3.65 -4.99
CA SER B 264 -16.99 2.74 -6.17
C SER B 264 -16.94 1.25 -5.82
N ASP B 265 -15.95 0.76 -5.07
CA ASP B 265 -15.82 -0.70 -4.77
C ASP B 265 -17.12 -1.21 -4.10
N ALA B 266 -17.58 -0.50 -3.06
CA ALA B 266 -18.66 -0.95 -2.15
C ALA B 266 -20.01 -1.03 -2.87
N TYR B 267 -20.17 -0.41 -4.04
CA TYR B 267 -21.44 -0.49 -4.81
C TYR B 267 -21.81 -1.95 -5.09
N ARG B 268 -20.80 -2.80 -5.30
CA ARG B 268 -21.00 -4.21 -5.73
C ARG B 268 -21.59 -5.04 -4.59
N VAL B 269 -21.44 -4.62 -3.33
CA VAL B 269 -21.97 -5.41 -2.19
C VAL B 269 -23.48 -5.67 -2.38
N ALA B 270 -24.26 -4.64 -2.71
CA ALA B 270 -25.74 -4.75 -2.83
C ALA B 270 -26.07 -5.77 -3.93
N ALA B 271 -25.28 -5.74 -5.00
CA ALA B 271 -25.44 -6.64 -6.17
C ALA B 271 -25.13 -8.09 -5.77
N ASN B 272 -24.02 -8.28 -5.04
CA ASN B 272 -23.48 -9.60 -4.65
C ASN B 272 -24.44 -10.32 -3.68
N VAL B 273 -24.89 -9.59 -2.67
CA VAL B 273 -25.88 -10.09 -1.67
C VAL B 273 -27.18 -10.49 -2.41
N ALA B 274 -27.67 -9.66 -3.33
CA ALA B 274 -28.90 -9.91 -4.09
C ALA B 274 -28.78 -11.18 -4.94
N LEU B 275 -27.62 -11.42 -5.57
CA LEU B 275 -27.46 -12.62 -6.43
C LEU B 275 -27.36 -13.87 -5.54
N ASP B 276 -26.68 -13.82 -4.39
CA ASP B 276 -26.58 -14.97 -3.46
C ASP B 276 -27.99 -15.37 -2.99
N TRP B 277 -28.83 -14.38 -2.68
CA TRP B 277 -30.24 -14.62 -2.28
C TRP B 277 -30.97 -15.30 -3.45
N GLU B 278 -30.86 -14.76 -4.66
CA GLU B 278 -31.53 -15.31 -5.87
C GLU B 278 -31.10 -16.76 -6.09
N TRP B 279 -29.80 -17.06 -6.06
CA TRP B 279 -29.26 -18.42 -6.36
C TRP B 279 -29.54 -19.40 -5.23
N PHE B 280 -29.33 -19.03 -3.97
CA PHE B 280 -29.22 -20.00 -2.84
C PHE B 280 -30.26 -19.75 -1.74
N ARG B 281 -30.80 -18.53 -1.61
CA ARG B 281 -31.96 -18.20 -0.73
C ARG B 281 -31.63 -18.66 0.71
N LYS B 282 -30.40 -18.45 1.17
CA LYS B 282 -29.87 -19.07 2.42
C LYS B 282 -29.94 -18.11 3.62
N ASP B 283 -29.74 -16.81 3.44
CA ASP B 283 -29.62 -15.84 4.56
C ASP B 283 -30.66 -14.74 4.40
N PRO B 284 -31.78 -14.82 5.14
CA PRO B 284 -32.87 -13.85 5.04
C PRO B 284 -32.50 -12.43 5.50
N TRP B 285 -31.39 -12.25 6.22
CA TRP B 285 -30.85 -10.88 6.47
C TRP B 285 -30.65 -10.17 5.12
N GLN B 286 -30.39 -10.93 4.06
CA GLN B 286 -30.08 -10.39 2.71
C GLN B 286 -31.27 -9.57 2.18
N VAL B 287 -32.49 -10.01 2.47
CA VAL B 287 -33.72 -9.29 2.05
C VAL B 287 -33.72 -7.93 2.75
N GLN B 288 -33.44 -7.88 4.05
CA GLN B 288 -33.48 -6.63 4.85
C GLN B 288 -32.33 -5.71 4.41
N GLN B 289 -31.13 -6.24 4.20
CA GLN B 289 -29.96 -5.47 3.67
C GLN B 289 -30.35 -4.82 2.34
N SER B 290 -30.95 -5.59 1.42
CA SER B 290 -31.41 -5.05 0.11
C SER B 290 -32.46 -3.94 0.33
N ASN B 291 -33.45 -4.16 1.18
CA ASN B 291 -34.49 -3.13 1.49
C ASN B 291 -33.84 -1.84 2.01
N ARG B 292 -32.82 -1.96 2.88
CA ARG B 292 -32.19 -0.83 3.60
C ARG B 292 -31.47 0.05 2.59
N ILE B 293 -30.61 -0.55 1.76
CA ILE B 293 -29.83 0.29 0.81
C ILE B 293 -30.81 0.93 -0.18
N GLN B 294 -31.88 0.24 -0.62
CA GLN B 294 -32.86 0.86 -1.57
C GLN B 294 -33.61 1.99 -0.86
N ALA B 295 -34.03 1.79 0.39
CA ALA B 295 -34.64 2.85 1.21
C ALA B 295 -33.67 4.04 1.29
N PHE B 296 -32.36 3.79 1.53
CA PHE B 296 -31.33 4.86 1.66
C PHE B 296 -31.33 5.73 0.41
N PHE B 297 -31.42 5.15 -0.78
CA PHE B 297 -31.28 5.89 -2.07
C PHE B 297 -32.63 6.21 -2.71
N SER B 298 -33.75 5.91 -2.04
CA SER B 298 -35.10 6.00 -2.65
C SER B 298 -35.38 7.42 -3.16
N ASP B 299 -35.02 8.45 -2.38
CA ASP B 299 -35.37 9.87 -2.64
C ASP B 299 -34.15 10.66 -3.11
N ILE B 300 -33.10 9.98 -3.61
CA ILE B 300 -31.86 10.68 -4.07
C ILE B 300 -31.73 10.52 -5.58
N ASP B 301 -31.64 11.65 -6.28
CA ASP B 301 -31.45 11.67 -7.75
C ASP B 301 -30.06 11.12 -8.05
N VAL B 302 -29.96 10.30 -9.10
CA VAL B 302 -28.67 9.70 -9.56
C VAL B 302 -27.63 10.80 -9.83
N SER B 303 -28.03 11.94 -10.36
CA SER B 303 -27.10 13.06 -10.62
C SER B 303 -26.66 13.74 -9.30
N ASP B 304 -27.31 13.43 -8.17
CA ASP B 304 -26.97 13.96 -6.82
C ASP B 304 -26.13 12.93 -6.04
N TYR B 305 -25.90 11.73 -6.57
CA TYR B 305 -25.15 10.68 -5.83
C TYR B 305 -23.79 11.25 -5.41
N ARG B 306 -23.42 11.02 -4.16
CA ARG B 306 -22.12 11.52 -3.62
C ARG B 306 -21.29 10.35 -3.09
N ARG B 307 -20.11 10.64 -2.57
CA ARG B 307 -19.44 9.75 -1.59
C ARG B 307 -20.24 9.88 -0.29
N TYR B 308 -20.38 8.81 0.49
CA TYR B 308 -21.10 8.89 1.78
C TYR B 308 -20.29 8.18 2.85
N THR B 309 -20.39 8.61 4.11
CA THR B 309 -19.90 7.81 5.25
C THR B 309 -20.86 6.63 5.38
N ILE B 310 -20.51 5.57 6.09
CA ILE B 310 -21.41 4.38 6.10
C ILE B 310 -22.65 4.68 6.95
N GLU B 311 -22.65 5.68 7.83
CA GLU B 311 -23.89 6.09 8.57
C GLU B 311 -24.70 7.09 7.70
N GLY B 312 -24.27 7.37 6.47
CA GLY B 312 -25.07 8.07 5.45
C GLY B 312 -24.80 9.57 5.34
N GLU B 313 -23.73 10.07 5.95
CA GLU B 313 -23.40 11.51 5.87
C GLU B 313 -22.81 11.79 4.49
N PRO B 314 -23.42 12.67 3.68
CA PRO B 314 -22.93 12.94 2.33
C PRO B 314 -21.69 13.83 2.37
N PHE B 315 -20.70 13.52 1.53
CA PHE B 315 -19.59 14.42 1.16
C PHE B 315 -20.09 15.39 0.10
N ASN B 316 -19.38 16.49 -0.14
CA ASN B 316 -19.70 17.42 -1.26
C ASN B 316 -19.36 16.73 -2.58
N GLU B 317 -18.33 15.90 -2.56
CA GLU B 317 -17.77 15.19 -3.75
C GLU B 317 -18.86 14.30 -4.37
N PRO B 318 -19.03 14.34 -5.72
CA PRO B 318 -19.98 13.47 -6.41
C PRO B 318 -19.45 12.03 -6.51
N ALA B 319 -20.35 11.06 -6.67
CA ALA B 319 -19.95 9.69 -7.10
C ALA B 319 -19.23 9.82 -8.44
N ALA B 320 -18.10 9.13 -8.60
CA ALA B 320 -17.37 9.05 -9.89
C ALA B 320 -18.18 8.18 -10.84
N HIS B 321 -18.87 7.15 -10.34
CA HIS B 321 -19.62 6.17 -11.17
C HIS B 321 -21.07 6.09 -10.72
N PRO B 322 -21.89 7.13 -10.94
CA PRO B 322 -23.27 7.14 -10.44
C PRO B 322 -24.22 6.18 -11.16
N VAL B 323 -23.97 5.89 -12.44
CA VAL B 323 -24.74 4.88 -13.22
C VAL B 323 -24.45 3.49 -12.63
N GLY B 324 -23.19 3.20 -12.28
CA GLY B 324 -22.79 1.97 -11.58
C GLY B 324 -23.54 1.81 -10.26
N LEU B 325 -23.59 2.88 -9.47
CA LEU B 325 -24.35 2.88 -8.19
C LEU B 325 -25.84 2.60 -8.47
N LEU B 326 -26.47 3.32 -9.41
CA LEU B 326 -27.90 3.06 -9.76
C LEU B 326 -28.08 1.58 -10.13
N ALA B 327 -27.18 1.03 -10.96
CA ALA B 327 -27.22 -0.37 -11.40
C ALA B 327 -27.23 -1.33 -10.19
N THR B 328 -26.33 -1.17 -9.23
CA THR B 328 -26.19 -2.11 -8.08
C THR B 328 -27.43 -1.97 -7.19
N ASN B 329 -27.93 -0.74 -7.05
CA ASN B 329 -29.16 -0.44 -6.26
C ASN B 329 -30.36 -1.14 -6.90
N ALA B 330 -30.45 -1.13 -8.24
CA ALA B 330 -31.54 -1.79 -8.99
C ALA B 330 -31.38 -3.32 -8.85
N MET B 331 -30.15 -3.81 -8.87
CA MET B 331 -29.87 -5.27 -8.79
C MET B 331 -30.31 -5.82 -7.43
N ALA B 332 -30.39 -4.95 -6.41
CA ALA B 332 -30.87 -5.30 -5.06
C ALA B 332 -32.33 -5.74 -5.11
N SER B 333 -33.04 -5.46 -6.21
CA SER B 333 -34.45 -5.86 -6.40
C SER B 333 -34.59 -7.39 -6.53
N LEU B 334 -33.52 -8.12 -6.85
CA LEU B 334 -33.57 -9.62 -6.79
C LEU B 334 -33.92 -10.07 -5.36
N ALA B 335 -33.60 -9.30 -4.32
CA ALA B 335 -33.81 -9.70 -2.90
C ALA B 335 -34.84 -8.79 -2.20
N ALA B 336 -34.84 -7.49 -2.51
CA ALA B 336 -35.67 -6.49 -1.80
C ALA B 336 -37.15 -6.82 -2.02
N ASP B 337 -37.97 -6.71 -0.98
CA ASP B 337 -39.44 -6.85 -1.09
C ASP B 337 -40.12 -5.60 -0.53
N GLY B 338 -39.37 -4.51 -0.39
CA GLY B 338 -39.86 -3.23 0.17
C GLY B 338 -40.51 -2.36 -0.89
N PRO B 339 -40.89 -1.10 -0.56
CA PRO B 339 -41.70 -0.27 -1.45
C PRO B 339 -40.92 0.39 -2.61
N ASP B 340 -39.62 0.11 -2.72
CA ASP B 340 -38.71 0.80 -3.66
C ASP B 340 -38.27 -0.13 -4.78
N ALA B 341 -38.46 -1.44 -4.62
CA ALA B 341 -37.89 -2.42 -5.58
C ALA B 341 -38.38 -2.10 -7.00
N ASP B 342 -39.69 -1.92 -7.17
N ASP B 342 -39.69 -1.92 -7.16
CA ASP B 342 -40.30 -1.77 -8.52
CA ASP B 342 -40.32 -1.75 -8.50
C ASP B 342 -39.81 -0.46 -9.14
C ASP B 342 -39.78 -0.47 -9.15
N SER B 343 -39.68 0.61 -8.36
CA SER B 343 -39.23 1.94 -8.84
C SER B 343 -37.80 1.91 -9.38
N PHE B 344 -36.89 1.22 -8.71
CA PHE B 344 -35.46 1.13 -9.11
C PHE B 344 -35.31 0.33 -10.40
N VAL B 345 -36.14 -0.70 -10.55
CA VAL B 345 -36.15 -1.53 -11.78
C VAL B 345 -36.52 -0.62 -12.96
N LYS B 346 -37.57 0.19 -12.79
CA LYS B 346 -38.03 1.11 -13.87
C LYS B 346 -37.00 2.21 -14.08
N ARG B 347 -36.39 2.75 -13.01
CA ARG B 347 -35.39 3.83 -13.19
C ARG B 347 -34.22 3.26 -14.00
N PHE B 348 -33.81 2.03 -13.71
CA PHE B 348 -32.67 1.39 -14.40
C PHE B 348 -32.99 1.21 -15.90
N TRP B 349 -34.18 0.67 -16.19
CA TRP B 349 -34.63 0.42 -17.59
C TRP B 349 -34.51 1.70 -18.42
N ASN B 350 -34.82 2.84 -17.79
CA ASN B 350 -34.92 4.16 -18.47
C ASN B 350 -33.55 4.87 -18.43
N THR B 351 -32.52 4.20 -17.89
CA THR B 351 -31.12 4.72 -17.85
C THR B 351 -30.35 4.08 -19.00
N PRO B 352 -29.69 4.89 -19.87
CA PRO B 352 -28.84 4.33 -20.93
C PRO B 352 -27.41 4.03 -20.44
N LEU B 353 -26.67 3.26 -21.22
CA LEU B 353 -25.21 3.02 -20.97
C LEU B 353 -24.51 4.36 -20.85
N ARG B 354 -23.50 4.43 -19.99
CA ARG B 354 -22.65 5.63 -19.91
C ARG B 354 -21.76 5.70 -21.15
N GLN B 355 -21.43 6.93 -21.59
CA GLN B 355 -20.45 7.16 -22.69
C GLN B 355 -19.30 8.03 -22.19
N GLY B 356 -18.21 8.06 -22.96
CA GLY B 356 -17.03 8.91 -22.68
C GLY B 356 -16.06 8.26 -21.72
N LYS B 357 -15.05 9.02 -21.30
CA LYS B 357 -13.80 8.56 -20.63
C LYS B 357 -14.07 7.64 -19.43
N ARG B 358 -15.11 7.88 -18.63
CA ARG B 358 -15.25 7.22 -17.30
C ARG B 358 -16.20 6.01 -17.38
N ARG B 359 -16.50 5.53 -18.59
CA ARG B 359 -17.69 4.66 -18.84
C ARG B 359 -17.48 3.23 -18.34
N TYR B 360 -16.23 2.76 -18.29
CA TYR B 360 -15.89 1.34 -18.09
C TYR B 360 -16.62 0.78 -16.86
N TYR B 361 -16.41 1.34 -15.67
CA TYR B 361 -16.89 0.76 -14.40
C TYR B 361 -18.43 0.78 -14.37
N ASP B 362 -19.01 1.91 -14.69
CA ASP B 362 -20.49 2.06 -14.74
C ASP B 362 -21.09 0.97 -15.64
N ASN B 363 -20.50 0.79 -16.82
CA ASN B 363 -21.07 -0.08 -17.90
C ASN B 363 -20.90 -1.55 -17.53
N CYS B 364 -19.84 -1.92 -16.82
CA CYS B 364 -19.68 -3.31 -16.31
C CYS B 364 -20.84 -3.61 -15.34
N LEU B 365 -21.04 -2.75 -14.33
CA LEU B 365 -22.08 -2.95 -13.29
C LEU B 365 -23.47 -2.91 -13.97
N TYR B 366 -23.67 -1.97 -14.90
CA TYR B 366 -24.90 -1.86 -15.74
C TYR B 366 -25.21 -3.22 -16.38
N PHE B 367 -24.23 -3.80 -17.07
CA PHE B 367 -24.46 -5.07 -17.83
C PHE B 367 -24.86 -6.19 -16.87
N PHE B 368 -24.18 -6.33 -15.73
CA PHE B 368 -24.49 -7.41 -14.76
C PHE B 368 -25.90 -7.20 -14.22
N THR B 369 -26.33 -5.95 -14.04
CA THR B 369 -27.72 -5.67 -13.61
C THR B 369 -28.70 -6.03 -14.74
N MET B 370 -28.38 -5.71 -15.99
CA MET B 370 -29.30 -6.00 -17.14
C MET B 370 -29.47 -7.52 -17.24
N LEU B 371 -28.36 -8.24 -17.10
CA LEU B 371 -28.40 -9.73 -17.05
C LEU B 371 -29.34 -10.18 -15.94
N ALA B 372 -29.07 -9.72 -14.70
CA ALA B 372 -29.74 -10.23 -13.49
C ALA B 372 -31.23 -9.89 -13.50
N LEU B 373 -31.59 -8.66 -13.84
CA LEU B 373 -33.01 -8.21 -13.74
C LEU B 373 -33.84 -8.88 -14.85
N SER B 374 -33.20 -9.38 -15.91
CA SER B 374 -33.89 -10.08 -17.02
C SER B 374 -33.94 -11.59 -16.74
N GLY B 375 -33.31 -12.04 -15.65
CA GLY B 375 -33.28 -13.46 -15.24
C GLY B 375 -32.26 -14.26 -16.04
N ASN B 376 -31.17 -13.61 -16.47
CA ASN B 376 -30.15 -14.24 -17.35
C ASN B 376 -28.78 -14.34 -16.65
N TYR B 377 -28.67 -14.02 -15.36
CA TYR B 377 -27.40 -14.24 -14.62
C TYR B 377 -27.54 -15.57 -13.87
N ARG B 378 -27.12 -16.66 -14.49
CA ARG B 378 -27.51 -18.04 -14.07
C ARG B 378 -26.29 -18.89 -13.67
N VAL B 379 -26.58 -19.93 -12.89
CA VAL B 379 -25.60 -21.01 -12.62
C VAL B 379 -25.60 -21.93 -13.82
N TYR B 380 -24.45 -22.20 -14.43
CA TYR B 380 -24.30 -23.24 -15.47
C TYR B 380 -23.68 -24.50 -14.86
N GLN B 381 -24.49 -25.55 -14.69
CA GLN B 381 -24.05 -26.82 -14.05
C GLN B 381 -23.64 -27.85 -15.12
N GLN B 382 -23.09 -28.99 -14.67
CA GLN B 382 -22.66 -30.12 -15.55
C GLN B 382 -21.16 -30.38 -15.34
C1 EDO C . 18.16 24.30 25.25
O1 EDO C . 16.97 25.07 25.35
C2 EDO C . 18.48 24.17 23.87
O2 EDO C . 18.55 25.45 23.26
C1 GOL D . 21.79 10.76 10.56
O1 GOL D . 20.41 10.58 10.27
C2 GOL D . 22.70 9.71 9.95
O2 GOL D . 22.75 9.82 8.53
C3 GOL D . 22.32 8.29 10.34
O3 GOL D . 23.05 7.34 9.57
C1 EDO E . 20.39 -8.50 -0.59
O1 EDO E . 20.86 -8.02 -1.82
C2 EDO E . 21.36 -8.49 0.50
O2 EDO E . 22.72 -8.56 0.10
C1 EDO F . 41.86 14.05 0.72
O1 EDO F . 42.83 14.74 -0.05
C2 EDO F . 40.56 14.77 0.83
O2 EDO F . 39.48 13.90 1.04
C1 EDO G . 17.48 24.60 27.53
O1 EDO G . 18.38 25.69 27.52
C2 EDO G . 16.56 24.51 28.64
O2 EDO G . 16.36 23.21 29.12
C1 EDO H . 18.66 20.94 27.88
O1 EDO H . 18.19 22.04 27.09
C2 EDO H . 20.11 20.76 27.75
O2 EDO H . 20.72 19.99 28.77
C1 EDO I . 10.86 11.71 35.75
O1 EDO I . 9.78 12.61 35.54
C2 EDO I . 10.67 10.58 34.80
O2 EDO I . 9.32 10.13 34.70
O1 XYP J . 8.73 15.47 1.69
C1 XYP J . 9.44 14.43 2.37
C2 XYP J . 8.66 14.09 3.63
C3 XYP J . 9.43 13.03 4.38
C4 XYP J . 9.57 11.80 3.52
C5 XYP J . 10.20 12.15 2.18
O2 XYP J . 8.45 15.21 4.52
O3 XYP J . 8.73 12.71 5.59
O4 XYP J . 10.38 10.87 4.27
O5 XYP J . 9.52 13.25 1.55
O1 XYP K . 7.04 9.97 4.24
C1 XYP K . 7.62 8.99 5.14
C2 XYP K . 9.13 8.79 4.93
C3 XYP K . 9.67 7.68 5.82
C4 XYP K . 8.85 7.61 7.11
C5 XYP K . 8.34 9.00 7.45
O2 XYP K . 9.43 8.54 3.56
O3 XYP K . 11.06 7.96 6.05
O4 XYP K . 7.76 6.71 6.91
O5 XYP K . 7.41 9.48 6.47
C1 EDO L . -19.67 -16.61 -30.08
O1 EDO L . -19.82 -15.24 -30.43
C2 EDO L . -20.88 -17.22 -29.50
O2 EDO L . -21.20 -18.56 -29.86
C1 EDO M . -7.63 -24.92 -29.12
O1 EDO M . -6.83 -23.95 -29.77
C2 EDO M . -7.33 -24.94 -27.68
O2 EDO M . -5.98 -24.62 -27.34
C1 GOL N . -20.94 -30.61 -24.21
O1 GOL N . -19.53 -30.73 -24.32
C2 GOL N . -21.38 -30.49 -22.76
O2 GOL N . -20.72 -29.40 -22.13
C3 GOL N . -22.89 -30.33 -22.60
O3 GOL N . -23.65 -31.18 -23.45
C1 EDO O . -7.89 -30.48 -13.28
O1 EDO O . -9.17 -30.76 -13.84
C2 EDO O . -7.99 -29.88 -11.94
O2 EDO O . -6.84 -29.92 -11.13
C1 EDO P . -37.86 -18.35 0.69
O1 EDO P . -37.29 -17.62 -0.38
C2 EDO P . -36.88 -19.11 1.50
O2 EDO P . -37.11 -19.04 2.90
C1 EDO Q . -39.54 -2.08 3.60
O1 EDO Q . -39.91 -3.42 3.42
C2 EDO Q . -38.22 -1.81 3.02
O2 EDO Q . -37.66 -0.56 3.36
C1 GOL R . -11.22 -2.82 -7.75
O1 GOL R . -11.92 -4.06 -7.80
C2 GOL R . -9.74 -2.99 -8.03
O2 GOL R . -9.31 -4.22 -7.43
C3 GOL R . -9.41 -2.96 -9.51
O3 GOL R . -8.61 -4.07 -9.88
C1 GOL S . -22.05 -9.62 -10.91
O1 GOL S . -20.64 -9.63 -10.95
C2 GOL S . -22.61 -10.03 -9.56
O2 GOL S . -22.95 -8.90 -8.76
C3 GOL S . -21.69 -10.99 -8.81
O3 GOL S . -22.20 -11.27 -7.52
C1 EDO T . -43.58 -7.40 -4.50
O1 EDO T . -44.64 -6.92 -3.67
C2 EDO T . -42.23 -7.16 -3.93
O2 EDO T . -41.14 -7.03 -4.82
O1 XYP U . -12.87 4.01 -11.28
C1 XYP U . -13.04 2.66 -10.80
C2 XYP U . -12.03 1.76 -11.48
C3 XYP U . -12.24 0.33 -11.02
C4 XYP U . -12.17 0.25 -9.51
C5 XYP U . -13.13 1.27 -8.91
O2 XYP U . -12.15 1.83 -12.90
O3 XYP U . -11.23 -0.51 -11.60
O4 XYP U . -12.50 -1.06 -9.07
O5 XYP U . -12.81 2.57 -9.39
#